data_4XO3
#
_entry.id   4XO3
#
_cell.length_a   120.299
_cell.length_b   120.299
_cell.length_c   169.601
_cell.angle_alpha   90.00
_cell.angle_beta   90.00
_cell.angle_gamma   120.00
#
_symmetry.space_group_name_H-M   'P 31 2 1'
#
loop_
_entity.id
_entity.type
_entity.pdbx_description
1 polymer 'Aminopeptidase N'
2 non-polymer 'ZINC ION'
3 non-polymer LEUCINE
4 non-polymer 'SODIUM ION'
5 non-polymer GLYCEROL
6 non-polymer 'MALONATE ION'
7 water water
#
_entity_poly.entity_id   1
_entity_poly.type   'polypeptide(L)'
_entity_poly.pdbx_seq_one_letter_code
;PQAKYRHDYRAPDYQITDIDLTFDLDAQKTVVTAVSQAVRHGASDAPLRLNGEDLKLVSVHINDEPWTAWKEEEGALVIS
NLPERFTLKIINEISPAANTALEGLYQSGDALCTQCEAEGFRHITYYLDRPDVLARFTTKIIADKIKYPFLLSNGNRVAQ
GELENGRHWVQWQDPFPKPCYLFALVAGDFDVLRDTFTTRSGREVALELYVDRGNLDRAPWAMTSLKNSMKWDEERFGLE
YDLDIYMIVAVDFFNMGAMENKGLNIFNSKYVLARTDTATDKDYLDIERVIGHEYFHNWTGNRVTCRDWFQLSLKEGLTV
FRDQEFSSDLGSRAVNRINNVRTMRGLQFAEDASPMAHPIRPDMVIEMNNFYTLTVYEKGAEVIRMIHTLLGEENFQKGM
QLYFERHDGSAATCDDFVQAMEDASNVDLSHFRRWYSQSGTPIVTVKDDYNPETEQYTLTISQRTPATPDQAEKQPLHIP
FAIELYDNEGKVIPLQKGGHPVNSVLNVTQAEQTFVFDNVYFQPVPALLCEFSAPVKLEYKWSDQQLTFLMRHARNDFSR
WDAAQSLLATYIKLNVARHQQGQPLSLPVHVADAFRAVLLDEKIDPALAAEILTLPSVNEMAELFDIIDPIAIAEVREAL
TRTLATELADELLAIYNANYQSEYRVEHEDIAKRTLRNACLRFLAFGETHLADVLVSKQFHEANNMTDALAALSAAVAAQ
LPCRDALMQEYDDKWHQNGLVMDKWFILQATSPAANVLETVRGLLQHRSFTMSNPNRIRSLIGAFAGSNPAAFHAEDGSG
YLFLVEMLTDLNSRNPQVASRLIEPLIRLKRYDAKRQEKMRAALEQLKGLENLSGDLYEKITKALA
;
_entity_poly.pdbx_strand_id   A
#
loop_
_chem_comp.id
_chem_comp.type
_chem_comp.name
_chem_comp.formula
GOL non-polymer GLYCEROL 'C3 H8 O3'
MLI non-polymer 'MALONATE ION' 'C3 H2 O4 -2'
NA non-polymer 'SODIUM ION' 'Na 1'
ZN non-polymer 'ZINC ION' 'Zn 2'
#
# COMPACT_ATOMS: atom_id res chain seq x y z
N PRO A 1 -4.91 0.42 -27.40
CA PRO A 1 -3.64 0.02 -26.75
C PRO A 1 -3.64 -1.50 -26.49
N GLN A 2 -2.55 -2.15 -26.84
CA GLN A 2 -2.48 -3.59 -26.86
C GLN A 2 -1.94 -4.13 -25.51
N ALA A 3 -2.52 -5.22 -25.11
CA ALA A 3 -2.06 -5.94 -23.92
C ALA A 3 -0.75 -6.60 -24.18
N LYS A 4 0.11 -6.69 -23.17
CA LYS A 4 1.24 -7.51 -23.21
C LYS A 4 1.07 -8.70 -22.29
N TYR A 5 1.77 -9.80 -22.58
CA TYR A 5 1.53 -11.06 -21.92
C TYR A 5 2.79 -11.61 -21.36
N ARG A 6 2.68 -12.14 -20.16
CA ARG A 6 3.82 -12.71 -19.48
C ARG A 6 4.49 -13.81 -20.28
N HIS A 7 3.67 -14.67 -20.86
CA HIS A 7 4.18 -15.82 -21.59
C HIS A 7 4.91 -15.40 -22.85
N ASP A 8 4.77 -14.15 -23.27
CA ASP A 8 5.55 -13.67 -24.40
C ASP A 8 6.94 -13.17 -24.06
N TYR A 9 7.39 -13.24 -22.80
CA TYR A 9 8.70 -12.77 -22.41
C TYR A 9 9.81 -13.46 -23.26
N ARG A 10 10.75 -12.70 -23.79
CA ARG A 10 11.92 -13.19 -24.47
C ARG A 10 13.11 -12.29 -24.11
N ALA A 11 14.25 -12.90 -23.95
CA ALA A 11 15.50 -12.21 -23.65
C ALA A 11 15.75 -11.13 -24.74
N PRO A 12 16.33 -10.01 -24.34
CA PRO A 12 16.46 -8.88 -25.29
C PRO A 12 17.50 -9.22 -26.40
N ASP A 13 17.20 -8.74 -27.62
CA ASP A 13 18.13 -8.84 -28.74
C ASP A 13 19.43 -8.10 -28.49
N TYR A 14 19.35 -7.01 -27.74
CA TYR A 14 20.52 -6.20 -27.38
C TYR A 14 20.58 -5.94 -25.90
N GLN A 15 21.79 -5.85 -25.35
CA GLN A 15 22.00 -5.33 -24.02
C GLN A 15 22.75 -4.03 -24.11
N ILE A 16 22.59 -3.23 -23.07
CA ILE A 16 23.37 -2.03 -22.84
C ILE A 16 24.12 -2.32 -21.54
N THR A 17 25.41 -2.05 -21.50
CA THR A 17 26.22 -2.38 -20.34
C THR A 17 26.59 -1.18 -19.53
N ASP A 18 26.70 -0.03 -20.18
CA ASP A 18 27.15 1.22 -19.56
C ASP A 18 26.41 2.36 -20.25
N ILE A 19 25.97 3.35 -19.51
CA ILE A 19 25.36 4.52 -20.07
C ILE A 19 25.91 5.77 -19.35
N ASP A 20 26.33 6.71 -20.18
CA ASP A 20 26.79 8.03 -19.79
C ASP A 20 25.75 9.06 -20.22
N LEU A 21 25.12 9.70 -19.22
CA LEU A 21 24.06 10.69 -19.46
C LEU A 21 24.59 12.10 -19.16
N THR A 22 24.23 13.04 -19.99
CA THR A 22 24.40 14.47 -19.66
C THR A 22 23.06 15.18 -19.80
N PHE A 23 22.70 15.96 -18.80
CA PHE A 23 21.50 16.74 -18.85
C PHE A 23 21.90 18.20 -18.80
N ASP A 24 21.51 18.91 -19.84
CA ASP A 24 21.53 20.35 -19.86
C ASP A 24 20.13 20.78 -19.36
N LEU A 25 20.05 21.03 -18.07
N LEU A 25 20.04 21.03 -18.07
CA LEU A 25 18.79 21.01 -17.36
CA LEU A 25 18.77 21.13 -17.39
C LEU A 25 18.14 22.40 -17.27
C LEU A 25 18.19 22.48 -17.46
N ASP A 26 16.91 22.51 -17.78
CA ASP A 26 16.12 23.73 -17.79
C ASP A 26 14.66 23.28 -17.74
N ALA A 27 13.83 24.00 -16.99
CA ALA A 27 12.41 23.58 -16.87
C ALA A 27 11.62 23.59 -18.16
N GLN A 28 11.85 24.54 -19.05
CA GLN A 28 11.18 24.55 -20.31
C GLN A 28 11.76 23.62 -21.34
N LYS A 29 13.09 23.53 -21.38
CA LYS A 29 13.73 22.69 -22.36
C LYS A 29 15.02 22.09 -21.85
N THR A 30 15.00 20.78 -21.61
CA THR A 30 16.15 20.06 -21.15
C THR A 30 16.72 19.26 -22.28
N VAL A 31 18.04 19.33 -22.45
CA VAL A 31 18.68 18.58 -23.51
C VAL A 31 19.40 17.38 -22.89
N VAL A 32 19.08 16.18 -23.36
CA VAL A 32 19.64 14.96 -22.85
C VAL A 32 20.59 14.42 -23.90
N THR A 33 21.83 14.12 -23.49
CA THR A 33 22.82 13.41 -24.33
C THR A 33 23.10 12.09 -23.63
N ALA A 34 22.85 10.98 -24.32
CA ALA A 34 22.96 9.65 -23.75
C ALA A 34 23.89 8.83 -24.61
N VAL A 35 25.00 8.40 -24.02
CA VAL A 35 25.96 7.60 -24.70
C VAL A 35 25.97 6.21 -24.14
N SER A 36 25.51 5.20 -24.88
CA SER A 36 25.35 3.85 -24.33
C SER A 36 26.31 2.91 -25.03
N GLN A 37 26.83 1.95 -24.30
CA GLN A 37 27.65 0.88 -24.88
C GLN A 37 26.81 -0.32 -24.99
N ALA A 38 26.57 -0.75 -26.20
CA ALA A 38 25.64 -1.81 -26.48
C ALA A 38 26.32 -3.05 -27.03
N VAL A 39 25.62 -4.17 -26.88
CA VAL A 39 26.07 -5.52 -27.31
C VAL A 39 24.87 -6.25 -27.85
N ARG A 40 25.02 -6.76 -29.05
CA ARG A 40 23.97 -7.56 -29.66
C ARG A 40 24.07 -9.02 -29.16
N HIS A 41 22.94 -9.55 -28.70
N HIS A 41 22.95 -9.57 -28.69
CA HIS A 41 22.79 -10.93 -28.31
CA HIS A 41 22.87 -11.00 -28.38
C HIS A 41 22.01 -11.74 -29.34
C HIS A 41 22.00 -11.76 -29.35
N GLY A 42 21.07 -11.09 -30.04
CA GLY A 42 20.18 -11.78 -30.93
C GLY A 42 20.74 -11.91 -32.31
N ALA A 43 19.87 -12.09 -33.28
CA ALA A 43 20.36 -12.34 -34.66
C ALA A 43 20.93 -11.07 -35.26
N SER A 44 21.80 -11.26 -36.26
CA SER A 44 22.60 -10.19 -36.82
C SER A 44 21.72 -9.26 -37.58
N ASP A 45 20.60 -9.75 -38.07
CA ASP A 45 19.67 -8.91 -38.77
C ASP A 45 18.57 -8.27 -37.90
N ALA A 46 18.67 -8.40 -36.58
CA ALA A 46 17.59 -7.86 -35.70
C ALA A 46 17.92 -6.37 -35.45
N PRO A 47 16.92 -5.48 -35.59
CA PRO A 47 17.23 -4.06 -35.32
C PRO A 47 17.23 -3.82 -33.79
N LEU A 48 17.80 -2.72 -33.36
CA LEU A 48 17.73 -2.32 -31.95
C LEU A 48 16.46 -1.51 -31.81
N ARG A 49 15.55 -1.92 -30.92
CA ARG A 49 14.28 -1.26 -30.73
C ARG A 49 14.28 -0.54 -29.43
N LEU A 50 14.29 0.81 -29.44
CA LEU A 50 14.40 1.58 -28.21
C LEU A 50 13.02 2.14 -27.89
N ASN A 51 12.63 2.20 -26.63
CA ASN A 51 11.40 2.84 -26.23
C ASN A 51 11.62 4.29 -26.09
N GLY A 52 10.59 5.07 -26.37
CA GLY A 52 10.71 6.55 -26.14
C GLY A 52 9.33 7.14 -26.23
N GLU A 53 9.03 8.08 -25.36
CA GLU A 53 7.74 8.76 -25.33
C GLU A 53 7.94 10.26 -25.18
N ASP A 54 7.32 11.00 -26.09
CA ASP A 54 7.33 12.47 -26.08
C ASP A 54 8.75 13.06 -26.02
N LEU A 55 9.62 12.54 -26.86
CA LEU A 55 10.97 13.03 -26.96
C LEU A 55 11.10 13.80 -28.28
N LYS A 56 11.89 14.83 -28.31
CA LYS A 56 12.26 15.48 -29.59
C LYS A 56 13.62 15.04 -29.93
N LEU A 57 13.73 14.17 -30.93
CA LEU A 57 15.06 13.63 -31.30
C LEU A 57 15.90 14.67 -32.05
N VAL A 58 17.12 14.90 -31.62
CA VAL A 58 18.03 15.82 -32.29
C VAL A 58 19.02 15.06 -33.18
N SER A 59 19.58 13.97 -32.68
CA SER A 59 20.55 13.20 -33.45
C SER A 59 20.80 11.80 -32.92
N VAL A 60 21.29 10.98 -33.82
CA VAL A 60 21.56 9.59 -33.55
C VAL A 60 22.89 9.29 -34.17
N HIS A 61 23.85 8.85 -33.37
CA HIS A 61 25.20 8.43 -33.84
C HIS A 61 25.53 7.03 -33.36
N ILE A 62 26.23 6.27 -34.19
CA ILE A 62 26.73 4.93 -33.90
C ILE A 62 28.17 4.95 -34.12
N ASN A 63 28.94 4.72 -33.05
CA ASN A 63 30.40 4.92 -33.06
C ASN A 63 30.82 6.28 -33.61
N ASP A 64 30.16 7.37 -33.20
CA ASP A 64 30.39 8.69 -33.74
C ASP A 64 30.07 8.91 -35.21
N GLU A 65 29.47 7.98 -35.90
CA GLU A 65 28.92 8.21 -37.27
C GLU A 65 27.46 8.62 -37.19
N PRO A 66 27.10 9.79 -37.76
CA PRO A 66 25.68 10.13 -37.84
C PRO A 66 24.94 9.02 -38.58
N TRP A 67 23.85 8.53 -38.01
CA TRP A 67 23.31 7.31 -38.49
C TRP A 67 22.17 7.56 -39.43
N THR A 68 22.06 6.78 -40.52
CA THR A 68 20.93 6.94 -41.43
C THR A 68 19.96 5.83 -41.40
N ALA A 69 20.32 4.69 -40.83
CA ALA A 69 19.48 3.56 -40.88
C ALA A 69 18.63 3.46 -39.59
N TRP A 70 17.68 4.37 -39.46
CA TRP A 70 16.79 4.34 -38.32
C TRP A 70 15.44 4.89 -38.71
N LYS A 71 14.44 4.63 -37.88
CA LYS A 71 13.14 5.27 -38.03
C LYS A 71 12.48 5.44 -36.70
N GLU A 72 11.67 6.48 -36.59
CA GLU A 72 10.80 6.61 -35.42
C GLU A 72 9.47 6.01 -35.75
N GLU A 73 8.91 5.23 -34.82
N GLU A 73 8.92 5.27 -34.78
CA GLU A 73 7.52 4.79 -34.90
CA GLU A 73 7.58 4.70 -34.85
C GLU A 73 6.88 5.10 -33.56
C GLU A 73 6.90 4.99 -33.51
N GLU A 74 5.61 4.73 -33.41
CA GLU A 74 4.85 5.03 -32.20
C GLU A 74 5.59 4.43 -31.03
N GLY A 75 5.98 5.28 -30.13
CA GLY A 75 6.64 4.83 -28.90
C GLY A 75 8.04 4.27 -29.07
N ALA A 76 8.65 4.47 -30.25
CA ALA A 76 9.89 3.73 -30.54
C ALA A 76 10.87 4.43 -31.49
N LEU A 77 12.14 4.08 -31.33
CA LEU A 77 13.20 4.42 -32.28
C LEU A 77 13.82 3.11 -32.64
N VAL A 78 13.77 2.80 -33.92
CA VAL A 78 14.16 1.48 -34.43
C VAL A 78 15.39 1.64 -35.25
N ILE A 79 16.51 1.03 -34.82
CA ILE A 79 17.80 1.36 -35.39
C ILE A 79 18.31 0.06 -36.06
N SER A 80 18.55 0.11 -37.37
CA SER A 80 18.99 -1.07 -38.12
C SER A 80 20.46 -1.10 -38.47
N ASN A 81 20.88 -2.27 -38.95
CA ASN A 81 22.19 -2.47 -39.56
C ASN A 81 23.37 -2.22 -38.62
N LEU A 82 23.32 -2.77 -37.43
CA LEU A 82 24.30 -2.45 -36.43
C LEU A 82 25.43 -3.43 -36.33
N PRO A 83 26.60 -2.99 -35.89
CA PRO A 83 27.59 -3.97 -35.51
C PRO A 83 27.18 -4.73 -34.26
N GLU A 84 27.96 -5.73 -33.93
CA GLU A 84 27.73 -6.57 -32.76
C GLU A 84 27.98 -5.82 -31.45
N ARG A 85 28.91 -4.88 -31.45
CA ARG A 85 29.24 -4.04 -30.28
C ARG A 85 29.42 -2.64 -30.77
N PHE A 86 28.83 -1.68 -30.10
CA PHE A 86 28.91 -0.29 -30.50
C PHE A 86 28.57 0.68 -29.46
N THR A 87 28.96 1.93 -29.69
CA THR A 87 28.55 3.04 -28.87
C THR A 87 27.39 3.75 -29.57
N LEU A 88 26.25 3.83 -28.91
CA LEU A 88 25.11 4.58 -29.36
C LEU A 88 25.09 5.92 -28.74
N LYS A 89 24.96 6.99 -29.51
CA LYS A 89 24.74 8.31 -28.92
C LYS A 89 23.44 8.90 -29.39
N ILE A 90 22.56 9.24 -28.41
CA ILE A 90 21.31 9.92 -28.72
C ILE A 90 21.30 11.28 -28.08
N ILE A 91 20.93 12.34 -28.84
CA ILE A 91 20.59 13.56 -28.27
C ILE A 91 19.10 13.82 -28.47
N ASN A 92 18.42 14.29 -27.41
CA ASN A 92 16.98 14.59 -27.44
C ASN A 92 16.60 15.63 -26.50
N GLU A 93 15.45 16.25 -26.74
CA GLU A 93 14.96 17.27 -25.85
C GLU A 93 13.64 16.86 -25.23
N ILE A 94 13.46 17.33 -24.00
CA ILE A 94 12.24 17.09 -23.20
C ILE A 94 11.84 18.37 -22.50
N SER A 95 10.66 18.39 -21.94
CA SER A 95 10.13 19.65 -21.40
C SER A 95 9.54 19.39 -20.00
N PRO A 96 10.34 19.51 -18.96
CA PRO A 96 9.83 19.20 -17.60
C PRO A 96 8.63 19.95 -17.15
N ALA A 97 8.60 21.24 -17.46
CA ALA A 97 7.47 22.10 -17.08
C ALA A 97 6.15 21.66 -17.69
N ALA A 98 6.13 21.01 -18.86
CA ALA A 98 4.91 20.50 -19.47
C ALA A 98 4.42 19.18 -18.93
N ASN A 99 5.20 18.54 -18.07
CA ASN A 99 4.93 17.22 -17.61
C ASN A 99 4.01 17.21 -16.39
N THR A 100 2.70 17.21 -16.65
CA THR A 100 1.70 17.22 -15.59
C THR A 100 1.43 15.80 -15.15
N ALA A 101 1.87 14.82 -15.92
CA ALA A 101 1.59 13.42 -15.58
C ALA A 101 2.54 12.94 -14.46
N LEU A 102 3.65 13.64 -14.23
CA LEU A 102 4.62 13.30 -13.18
C LEU A 102 5.26 11.93 -13.37
N GLU A 103 5.60 11.65 -14.61
CA GLU A 103 6.26 10.43 -15.06
C GLU A 103 7.42 10.84 -15.95
N GLY A 104 8.64 10.42 -15.63
CA GLY A 104 9.81 10.92 -16.27
C GLY A 104 10.43 12.08 -15.46
N LEU A 105 10.95 13.06 -16.16
CA LEU A 105 11.51 14.25 -15.51
C LEU A 105 10.46 15.34 -15.44
N TYR A 106 10.19 15.79 -14.22
CA TYR A 106 9.15 16.75 -14.04
C TYR A 106 9.50 17.80 -13.00
N GLN A 107 8.61 18.77 -12.79
CA GLN A 107 8.82 19.80 -11.80
C GLN A 107 7.93 19.54 -10.59
N SER A 108 8.51 19.70 -9.42
CA SER A 108 7.79 19.64 -8.17
C SER A 108 8.06 20.91 -7.42
N GLY A 109 7.10 21.85 -7.47
CA GLY A 109 7.34 23.26 -7.05
C GLY A 109 8.49 23.83 -7.88
N ASP A 110 9.54 24.30 -7.24
CA ASP A 110 10.66 24.86 -8.00
C ASP A 110 11.74 23.79 -8.28
N ALA A 111 11.62 22.60 -7.72
CA ALA A 111 12.60 21.51 -7.97
C ALA A 111 12.28 20.79 -9.27
N LEU A 112 13.32 20.19 -9.85
CA LEU A 112 13.19 19.16 -10.87
C LEU A 112 13.51 17.80 -10.27
N CYS A 113 12.70 16.79 -10.61
CA CYS A 113 12.91 15.45 -10.08
C CYS A 113 12.38 14.43 -11.05
N THR A 114 12.73 13.17 -10.82
CA THR A 114 12.30 12.15 -11.70
C THR A 114 11.41 11.11 -11.04
N GLN A 115 10.61 10.42 -11.85
CA GLN A 115 9.97 9.15 -11.42
C GLN A 115 10.04 8.25 -12.64
N CYS A 116 10.82 7.20 -12.52
CA CYS A 116 11.09 6.29 -13.62
C CYS A 116 10.37 4.96 -13.57
N GLU A 117 10.00 4.49 -12.39
CA GLU A 117 9.25 3.21 -12.31
C GLU A 117 7.78 3.46 -12.67
N ALA A 118 7.14 2.64 -13.52
CA ALA A 118 7.74 1.46 -14.18
C ALA A 118 8.47 1.79 -15.47
N GLU A 119 7.91 2.68 -16.28
CA GLU A 119 8.34 2.97 -17.67
C GLU A 119 8.49 4.40 -17.97
N GLY A 120 9.07 5.14 -16.99
CA GLY A 120 9.21 6.53 -17.08
C GLY A 120 10.56 6.97 -17.69
N PHE A 121 11.59 6.14 -17.68
CA PHE A 121 12.89 6.58 -18.23
C PHE A 121 12.77 6.84 -19.74
N ARG A 122 11.92 6.08 -20.41
CA ARG A 122 11.68 6.29 -21.85
C ARG A 122 11.07 7.67 -22.12
N HIS A 123 10.54 8.37 -21.09
CA HIS A 123 10.17 9.76 -21.26
C HIS A 123 11.35 10.75 -21.09
N ILE A 124 12.54 10.24 -20.87
CA ILE A 124 13.71 11.02 -20.76
C ILE A 124 14.68 10.86 -21.91
N THR A 125 14.85 9.64 -22.37
CA THR A 125 15.62 9.39 -23.59
C THR A 125 15.19 8.06 -24.21
N TYR A 126 15.65 7.79 -25.45
CA TYR A 126 15.33 6.55 -26.11
C TYR A 126 16.22 5.43 -25.46
N TYR A 127 15.63 4.33 -24.99
CA TYR A 127 16.39 3.37 -24.21
C TYR A 127 15.72 2.02 -24.20
N LEU A 128 16.46 1.02 -23.72
CA LEU A 128 15.90 -0.31 -23.51
C LEU A 128 15.24 -0.26 -22.14
N ASP A 129 14.01 0.27 -22.11
CA ASP A 129 13.33 0.57 -20.85
C ASP A 129 12.54 -0.69 -20.42
N ARG A 130 13.34 -1.62 -19.94
CA ARG A 130 12.94 -2.93 -19.49
C ARG A 130 13.92 -3.40 -18.44
N PRO A 131 13.40 -4.05 -17.38
CA PRO A 131 14.23 -4.16 -16.19
C PRO A 131 15.24 -5.29 -16.19
N ASP A 132 15.22 -6.12 -17.22
CA ASP A 132 16.27 -7.08 -17.44
C ASP A 132 17.49 -6.52 -18.20
N VAL A 133 17.50 -5.23 -18.54
CA VAL A 133 18.68 -4.57 -19.10
C VAL A 133 19.30 -3.72 -17.99
N LEU A 134 20.41 -4.17 -17.45
CA LEU A 134 21.10 -3.53 -16.34
C LEU A 134 22.40 -2.91 -16.84
N ALA A 135 22.61 -1.65 -16.53
CA ALA A 135 23.78 -0.94 -17.04
C ALA A 135 24.38 -0.09 -15.90
N ARG A 136 25.66 0.20 -16.04
CA ARG A 136 26.40 1.14 -15.15
C ARG A 136 26.17 2.54 -15.63
N PHE A 137 25.63 3.38 -14.75
CA PHE A 137 25.30 4.77 -15.09
C PHE A 137 26.38 5.77 -14.59
N THR A 138 26.68 6.79 -15.41
CA THR A 138 27.37 7.99 -15.03
C THR A 138 26.42 9.08 -15.46
N THR A 139 26.24 10.09 -14.63
CA THR A 139 25.32 11.11 -14.87
C THR A 139 25.88 12.47 -14.61
N LYS A 140 25.97 13.32 -15.66
CA LYS A 140 26.41 14.68 -15.53
C LYS A 140 25.21 15.60 -15.66
N ILE A 141 25.06 16.46 -14.69
CA ILE A 141 23.96 17.44 -14.61
C ILE A 141 24.52 18.84 -14.70
N ILE A 142 24.03 19.63 -15.64
CA ILE A 142 24.45 21.01 -15.85
C ILE A 142 23.23 21.88 -15.67
N ALA A 143 23.32 22.89 -14.79
CA ALA A 143 22.18 23.77 -14.52
C ALA A 143 22.58 25.11 -13.95
N ASP A 144 21.58 25.97 -13.92
CA ASP A 144 21.69 27.31 -13.28
C ASP A 144 21.97 27.14 -11.82
N LYS A 145 23.06 27.78 -11.35
CA LYS A 145 23.55 27.51 -9.99
C LYS A 145 22.65 28.12 -8.92
N ILE A 146 22.08 29.29 -9.23
CA ILE A 146 21.17 29.98 -8.27
C ILE A 146 19.88 29.20 -8.14
N LYS A 147 19.31 28.80 -9.25
CA LYS A 147 18.08 28.06 -9.16
C LYS A 147 18.26 26.62 -8.67
N TYR A 148 19.34 25.96 -9.10
CA TYR A 148 19.56 24.56 -8.76
C TYR A 148 20.91 24.37 -8.11
N PRO A 149 21.06 24.80 -6.89
CA PRO A 149 22.36 24.61 -6.25
C PRO A 149 22.72 23.20 -5.85
N PHE A 150 21.74 22.32 -5.70
CA PHE A 150 22.01 20.92 -5.49
C PHE A 150 21.60 20.14 -6.73
N LEU A 151 22.53 19.39 -7.26
CA LEU A 151 22.34 18.56 -8.45
C LEU A 151 22.71 17.11 -8.03
N LEU A 152 21.70 16.25 -7.93
CA LEU A 152 21.85 14.91 -7.35
C LEU A 152 21.43 13.83 -8.40
N SER A 153 22.24 12.78 -8.43
CA SER A 153 21.85 11.51 -9.07
C SER A 153 22.39 10.35 -8.20
N ASN A 154 22.17 9.14 -8.68
CA ASN A 154 22.52 7.94 -7.97
C ASN A 154 24.06 7.86 -7.79
N GLY A 155 24.48 7.39 -6.63
CA GLY A 155 25.87 7.06 -6.40
C GLY A 155 26.71 8.10 -5.68
N ASN A 156 27.92 8.36 -6.19
CA ASN A 156 28.84 9.31 -5.57
C ASN A 156 29.25 10.34 -6.60
N ARG A 157 29.67 11.49 -6.13
CA ARG A 157 30.24 12.51 -7.04
C ARG A 157 31.61 12.14 -7.54
N VAL A 158 31.82 12.19 -8.83
CA VAL A 158 33.10 11.93 -9.38
C VAL A 158 33.73 13.16 -10.07
N ALA A 159 32.94 14.16 -10.41
CA ALA A 159 33.42 15.38 -11.06
C ALA A 159 32.48 16.51 -10.79
N GLN A 160 33.01 17.72 -10.86
CA GLN A 160 32.23 18.93 -10.56
C GLN A 160 32.88 20.11 -11.31
N GLY A 161 32.12 21.08 -11.76
CA GLY A 161 32.74 22.28 -12.37
C GLY A 161 31.76 23.41 -12.41
N GLU A 162 32.26 24.56 -12.82
CA GLU A 162 31.44 25.76 -12.95
C GLU A 162 31.71 26.25 -14.35
N LEU A 163 30.73 26.84 -14.97
CA LEU A 163 30.84 27.29 -16.34
C LEU A 163 30.59 28.80 -16.34
N GLU A 164 30.80 29.44 -17.47
CA GLU A 164 30.25 30.80 -17.59
C GLU A 164 28.64 30.84 -17.61
N ASN A 165 28.16 32.07 -17.41
CA ASN A 165 26.74 32.42 -17.40
C ASN A 165 25.97 31.72 -16.29
N GLY A 166 26.60 31.55 -15.16
CA GLY A 166 25.87 31.21 -13.96
C GLY A 166 25.50 29.74 -13.84
N ARG A 167 26.02 28.90 -14.70
CA ARG A 167 25.77 27.49 -14.68
C ARG A 167 26.89 26.73 -13.95
N HIS A 168 26.49 25.61 -13.38
CA HIS A 168 27.45 24.66 -12.78
C HIS A 168 27.06 23.22 -13.06
N TRP A 169 27.95 22.29 -12.70
CA TRP A 169 27.67 20.91 -13.04
C TRP A 169 28.28 19.96 -12.03
N VAL A 170 27.66 18.79 -11.93
CA VAL A 170 28.12 17.75 -11.01
C VAL A 170 27.92 16.46 -11.78
N GLN A 171 28.88 15.56 -11.77
CA GLN A 171 28.76 14.23 -12.34
C GLN A 171 28.83 13.18 -11.25
N TRP A 172 27.96 12.20 -11.39
CA TRP A 172 27.75 11.13 -10.45
C TRP A 172 28.05 9.80 -11.15
N GLN A 173 28.47 8.80 -10.34
CA GLN A 173 28.66 7.47 -10.80
C GLN A 173 28.15 6.51 -9.77
N ASP A 174 27.48 5.47 -10.25
CA ASP A 174 26.95 4.43 -9.36
C ASP A 174 27.60 3.15 -9.87
N PRO A 175 28.37 2.44 -9.01
CA PRO A 175 29.02 1.27 -9.58
C PRO A 175 28.12 0.09 -9.85
N PHE A 176 26.94 0.05 -9.25
CA PHE A 176 26.10 -1.15 -9.41
C PHE A 176 25.30 -1.04 -10.69
N PRO A 177 25.39 -2.05 -11.60
CA PRO A 177 24.48 -2.07 -12.71
C PRO A 177 23.01 -2.06 -12.29
N LYS A 178 22.21 -1.28 -13.02
CA LYS A 178 20.82 -1.11 -12.67
C LYS A 178 19.94 -1.07 -13.91
N PRO A 179 18.71 -1.54 -13.76
CA PRO A 179 17.70 -1.21 -14.74
C PRO A 179 17.37 0.27 -14.64
N CYS A 180 16.88 0.89 -15.73
CA CYS A 180 16.68 2.27 -15.76
C CYS A 180 15.55 2.74 -14.91
N TYR A 181 14.66 1.84 -14.45
CA TYR A 181 13.60 2.32 -13.53
C TYR A 181 14.17 2.82 -12.22
N LEU A 182 15.44 2.53 -11.93
CA LEU A 182 16.05 2.89 -10.66
C LEU A 182 16.93 4.12 -10.81
N PHE A 183 16.98 4.67 -12.01
CA PHE A 183 17.60 6.01 -12.24
C PHE A 183 16.82 7.13 -11.54
N ALA A 184 17.57 8.07 -10.95
CA ALA A 184 17.02 9.28 -10.45
C ALA A 184 17.89 10.48 -10.65
N LEU A 185 17.22 11.63 -10.81
CA LEU A 185 17.86 12.94 -10.87
C LEU A 185 17.02 13.89 -10.07
N VAL A 186 17.66 14.75 -9.27
CA VAL A 186 16.98 15.79 -8.57
C VAL A 186 17.84 17.06 -8.71
N ALA A 187 17.16 18.19 -8.87
CA ALA A 187 17.87 19.50 -8.94
C ALA A 187 17.01 20.52 -8.22
N GLY A 188 17.59 21.26 -7.29
CA GLY A 188 16.82 22.31 -6.60
C GLY A 188 17.57 22.92 -5.50
N ASP A 189 16.87 23.66 -4.69
CA ASP A 189 17.46 24.38 -3.54
C ASP A 189 16.76 23.75 -2.31
N PHE A 190 17.50 23.17 -1.40
CA PHE A 190 16.93 22.41 -0.30
C PHE A 190 17.64 22.78 1.01
N ASP A 191 16.98 22.58 2.13
CA ASP A 191 17.64 22.34 3.40
C ASP A 191 18.00 20.83 3.47
N VAL A 192 19.11 20.49 4.11
CA VAL A 192 19.65 19.16 4.15
C VAL A 192 19.94 18.81 5.58
N LEU A 193 19.31 17.75 6.05
CA LEU A 193 19.63 17.17 7.35
C LEU A 193 20.66 16.06 7.07
N ARG A 194 21.82 16.16 7.73
CA ARG A 194 22.94 15.24 7.52
C ARG A 194 23.19 14.49 8.76
N ASP A 195 23.42 13.17 8.60
CA ASP A 195 23.73 12.29 9.75
C ASP A 195 24.60 11.14 9.20
N THR A 196 24.85 10.12 10.00
N THR A 196 24.96 10.17 10.03
CA THR A 196 25.75 9.06 9.61
CA THR A 196 25.85 9.08 9.62
C THR A 196 25.22 7.80 10.20
C THR A 196 25.29 7.80 10.21
N PHE A 197 25.46 6.66 9.54
CA PHE A 197 25.21 5.39 10.10
C PHE A 197 26.47 4.55 9.84
N THR A 198 26.93 3.81 10.83
CA THR A 198 28.01 2.91 10.61
C THR A 198 27.52 1.48 10.63
N THR A 199 27.77 0.80 9.54
CA THR A 199 27.24 -0.59 9.42
C THR A 199 27.99 -1.50 10.37
N ARG A 200 27.42 -2.67 10.57
CA ARG A 200 27.92 -3.65 11.48
C ARG A 200 29.47 -3.93 11.21
N SER A 201 29.84 -4.07 9.95
CA SER A 201 31.23 -4.33 9.53
C SER A 201 32.11 -3.14 9.48
N GLY A 202 31.57 -1.97 9.76
CA GLY A 202 32.28 -0.70 9.89
C GLY A 202 32.24 0.22 8.69
N ARG A 203 31.35 0.01 7.76
CA ARG A 203 31.29 0.94 6.66
C ARG A 203 30.54 2.18 7.13
N GLU A 204 31.12 3.33 6.87
CA GLU A 204 30.50 4.57 7.31
C GLU A 204 29.62 5.13 6.15
N VAL A 205 28.36 5.40 6.47
CA VAL A 205 27.39 5.87 5.44
C VAL A 205 26.92 7.26 5.78
N ALA A 206 27.11 8.19 4.85
CA ALA A 206 26.62 9.50 5.01
C ALA A 206 25.11 9.49 4.66
N LEU A 207 24.31 9.98 5.58
CA LEU A 207 22.83 10.06 5.41
C LEU A 207 22.45 11.47 5.18
N GLU A 208 21.72 11.72 4.11
CA GLU A 208 21.32 13.06 3.69
C GLU A 208 19.83 13.12 3.31
N LEU A 209 19.08 13.88 4.05
CA LEU A 209 17.66 14.10 3.77
C LEU A 209 17.44 15.55 3.29
N TYR A 210 16.98 15.67 2.05
CA TYR A 210 16.73 16.92 1.38
C TYR A 210 15.29 17.26 1.47
N VAL A 211 15.00 18.47 1.95
CA VAL A 211 13.62 18.92 2.17
C VAL A 211 13.55 20.36 1.70
N ASP A 212 12.36 20.82 1.38
CA ASP A 212 12.19 22.18 0.97
C ASP A 212 12.64 23.13 2.08
N ARG A 213 13.17 24.28 1.68
CA ARG A 213 13.62 25.26 2.65
C ARG A 213 12.52 25.53 3.69
N GLY A 214 12.92 25.50 4.93
CA GLY A 214 12.03 25.79 6.02
C GLY A 214 11.42 24.56 6.62
N ASN A 215 11.77 23.33 6.16
CA ASN A 215 11.20 22.08 6.67
C ASN A 215 12.11 21.24 7.49
N LEU A 216 13.25 21.76 7.93
CA LEU A 216 14.14 20.90 8.73
C LEU A 216 13.59 20.51 10.03
N ASP A 217 12.67 21.33 10.58
CA ASP A 217 12.00 21.01 11.84
C ASP A 217 11.12 19.70 11.74
N ARG A 218 10.82 19.29 10.51
CA ARG A 218 9.99 18.10 10.23
C ARG A 218 10.78 16.91 9.70
N ALA A 219 12.12 16.99 9.74
CA ALA A 219 12.99 15.89 9.20
C ALA A 219 13.55 14.88 10.17
N PRO A 220 13.72 15.19 11.46
CA PRO A 220 14.40 14.20 12.27
C PRO A 220 13.79 12.82 12.42
N TRP A 221 12.46 12.73 12.45
CA TRP A 221 11.86 11.41 12.65
C TRP A 221 12.17 10.48 11.44
N ALA A 222 12.13 11.04 10.26
CA ALA A 222 12.41 10.23 9.03
C ALA A 222 13.85 9.76 9.06
N MET A 223 14.76 10.66 9.48
CA MET A 223 16.18 10.27 9.64
C MET A 223 16.40 9.20 10.69
N THR A 224 15.68 9.33 11.83
CA THR A 224 15.72 8.32 12.88
C THR A 224 15.22 6.96 12.35
N SER A 225 14.10 7.04 11.59
CA SER A 225 13.54 5.82 10.97
C SER A 225 14.47 5.16 9.95
N LEU A 226 15.19 5.97 9.19
CA LEU A 226 16.22 5.40 8.27
C LEU A 226 17.29 4.64 9.02
N LYS A 227 17.82 5.22 10.09
CA LYS A 227 18.82 4.50 10.87
C LYS A 227 18.20 3.26 11.54
N ASN A 228 16.98 3.38 12.06
CA ASN A 228 16.31 2.18 12.58
C ASN A 228 16.18 1.07 11.54
N SER A 229 15.85 1.46 10.29
CA SER A 229 15.68 0.50 9.18
C SER A 229 17.02 -0.20 8.86
N MET A 230 18.07 0.58 8.84
CA MET A 230 19.38 0.02 8.54
C MET A 230 19.83 -0.97 9.62
N LYS A 231 19.66 -0.59 10.88
CA LYS A 231 19.99 -1.52 12.00
C LYS A 231 19.15 -2.77 11.99
N TRP A 232 17.85 -2.60 11.72
CA TRP A 232 17.00 -3.77 11.66
C TRP A 232 17.32 -4.74 10.53
N ASP A 233 17.60 -4.26 9.33
CA ASP A 233 17.94 -5.13 8.25
C ASP A 233 19.18 -5.90 8.55
N GLU A 234 20.13 -5.25 9.25
CA GLU A 234 21.30 -5.99 9.74
C GLU A 234 20.96 -7.09 10.77
N GLU A 235 20.18 -6.76 11.79
CA GLU A 235 19.86 -7.68 12.86
C GLU A 235 18.97 -8.84 12.39
N ARG A 236 17.93 -8.49 11.66
CA ARG A 236 16.97 -9.53 11.26
C ARG A 236 17.41 -10.30 10.01
N PHE A 237 17.87 -9.60 8.94
CA PHE A 237 18.14 -10.22 7.68
C PHE A 237 19.66 -10.35 7.35
N GLY A 238 20.50 -9.82 8.20
CA GLY A 238 21.97 -9.86 7.93
C GLY A 238 22.42 -9.01 6.78
N LEU A 239 21.66 -7.96 6.46
CA LEU A 239 21.93 -7.14 5.27
C LEU A 239 22.45 -5.78 5.65
N GLU A 240 23.53 -5.36 5.02
CA GLU A 240 24.10 -4.05 5.16
C GLU A 240 23.95 -3.21 3.89
N TYR A 241 23.84 -1.91 4.09
CA TYR A 241 23.96 -0.97 3.01
C TYR A 241 25.33 -1.07 2.30
N ASP A 242 25.32 -0.81 0.99
CA ASP A 242 26.39 -1.21 0.07
C ASP A 242 27.06 -0.01 -0.61
N LEU A 243 26.59 1.18 -0.31
CA LEU A 243 27.15 2.41 -0.86
C LEU A 243 27.60 3.34 0.24
N ASP A 244 28.10 4.51 -0.17
CA ASP A 244 28.78 5.44 0.73
C ASP A 244 27.82 6.56 1.21
N ILE A 245 26.79 6.85 0.41
CA ILE A 245 25.83 7.92 0.72
C ILE A 245 24.44 7.32 0.51
N TYR A 246 23.52 7.73 1.37
CA TYR A 246 22.12 7.43 1.28
C TYR A 246 21.37 8.74 1.30
N MET A 247 20.86 9.13 0.13
CA MET A 247 20.09 10.34 -0.05
C MET A 247 18.58 10.05 -0.14
N ILE A 248 17.80 10.90 0.52
CA ILE A 248 16.34 10.90 0.42
C ILE A 248 15.96 12.33 0.09
N VAL A 249 15.10 12.50 -0.89
CA VAL A 249 14.57 13.79 -1.19
C VAL A 249 13.05 13.73 -1.02
N ALA A 250 12.50 14.65 -0.22
CA ALA A 250 11.05 14.80 -0.05
C ALA A 250 10.46 15.78 -1.05
N VAL A 251 9.51 15.34 -1.87
CA VAL A 251 8.93 16.20 -2.88
C VAL A 251 7.40 16.21 -2.66
N ASP A 252 6.79 17.37 -2.87
CA ASP A 252 5.34 17.59 -2.63
C ASP A 252 4.47 17.01 -3.74
N PHE A 253 5.02 16.88 -4.93
CA PHE A 253 4.29 16.41 -6.10
C PHE A 253 4.82 15.04 -6.49
N PHE A 254 4.01 14.03 -6.21
CA PHE A 254 4.42 12.65 -6.39
C PHE A 254 3.17 11.81 -6.49
N ASN A 255 3.08 10.96 -7.52
CA ASN A 255 1.88 10.17 -7.71
C ASN A 255 1.70 9.03 -6.72
N MET A 256 2.79 8.49 -6.18
CA MET A 256 2.71 7.30 -5.30
C MET A 256 3.21 7.67 -3.90
N GLY A 257 3.83 6.73 -3.22
CA GLY A 257 4.29 6.92 -1.87
C GLY A 257 5.76 7.32 -1.85
N ALA A 258 6.59 6.43 -2.31
CA ALA A 258 8.02 6.70 -2.36
C ALA A 258 8.71 5.73 -3.29
N MET A 259 9.99 5.99 -3.58
CA MET A 259 10.70 5.26 -4.64
C MET A 259 12.14 4.96 -4.29
N GLU A 260 12.48 3.71 -4.47
CA GLU A 260 13.79 3.11 -3.99
C GLU A 260 15.01 3.35 -4.92
N ASN A 261 15.03 4.47 -5.67
CA ASN A 261 16.12 4.69 -6.63
C ASN A 261 17.44 4.52 -5.87
N LYS A 262 18.36 3.77 -6.44
CA LYS A 262 19.57 3.33 -5.72
C LYS A 262 20.35 4.53 -5.14
N GLY A 263 20.52 4.59 -3.81
CA GLY A 263 21.22 5.68 -3.21
C GLY A 263 20.61 7.06 -3.21
N LEU A 264 19.46 7.20 -3.88
CA LEU A 264 18.77 8.47 -4.08
C LEU A 264 17.26 8.24 -4.11
N ASN A 265 16.72 7.93 -2.95
CA ASN A 265 15.26 7.68 -2.86
C ASN A 265 14.53 9.01 -3.01
N ILE A 266 13.41 8.98 -3.72
CA ILE A 266 12.55 10.12 -3.88
C ILE A 266 11.21 9.74 -3.18
N PHE A 267 10.79 10.57 -2.21
CA PHE A 267 9.65 10.30 -1.34
C PHE A 267 8.60 11.37 -1.54
N ASN A 268 7.32 10.97 -1.58
CA ASN A 268 6.27 11.90 -1.31
C ASN A 268 6.51 12.51 0.05
N SER A 269 6.40 13.80 0.16
CA SER A 269 6.64 14.45 1.43
CA SER A 269 6.56 14.52 1.42
C SER A 269 5.72 13.96 2.55
N LYS A 270 4.58 13.42 2.19
CA LYS A 270 3.69 12.81 3.19
C LYS A 270 4.34 11.70 3.98
N TYR A 271 5.30 10.99 3.39
CA TYR A 271 5.98 9.95 4.09
C TYR A 271 7.40 10.33 4.53
N VAL A 272 7.62 11.61 4.76
CA VAL A 272 8.82 12.13 5.33
C VAL A 272 8.48 13.10 6.50
N LEU A 273 7.69 14.16 6.24
CA LEU A 273 7.63 15.32 7.12
C LEU A 273 6.69 15.13 8.29
N ALA A 274 7.21 15.26 9.51
CA ALA A 274 6.37 15.08 10.71
C ALA A 274 6.96 15.96 11.83
N ARG A 275 6.07 16.60 12.53
CA ARG A 275 6.37 17.07 13.86
C ARG A 275 5.13 16.92 14.70
N THR A 276 5.24 17.08 16.00
CA THR A 276 4.14 16.62 16.90
C THR A 276 2.85 17.41 16.71
N ASP A 277 2.93 18.67 16.29
CA ASP A 277 1.77 19.47 16.05
C ASP A 277 1.19 19.29 14.62
N THR A 278 1.91 18.61 13.72
CA THR A 278 1.46 18.50 12.34
C THR A 278 1.07 17.07 11.95
N ALA A 279 1.56 16.06 12.69
CA ALA A 279 1.50 14.65 12.26
C ALA A 279 0.95 13.83 13.37
N THR A 280 0.12 12.83 13.03
CA THR A 280 -0.46 11.95 14.02
C THR A 280 0.44 10.77 14.29
N ASP A 281 0.10 9.98 15.30
CA ASP A 281 0.81 8.75 15.59
C ASP A 281 0.86 7.85 14.34
N LYS A 282 -0.27 7.75 13.70
CA LYS A 282 -0.38 6.94 12.48
C LYS A 282 0.59 7.51 11.36
N ASP A 283 0.64 8.82 11.18
CA ASP A 283 1.65 9.44 10.28
C ASP A 283 3.07 9.02 10.69
N TYR A 284 3.42 9.10 11.97
CA TYR A 284 4.78 8.66 12.40
C TYR A 284 5.07 7.22 12.01
N LEU A 285 4.13 6.32 12.27
CA LEU A 285 4.26 4.92 11.95
C LEU A 285 4.21 4.62 10.46
N ASP A 286 3.50 5.42 9.69
CA ASP A 286 3.57 5.34 8.23
C ASP A 286 4.91 5.81 7.70
N ILE A 287 5.45 6.90 8.26
CA ILE A 287 6.80 7.33 7.83
C ILE A 287 7.77 6.21 8.08
N GLU A 288 7.74 5.66 9.30
CA GLU A 288 8.63 4.61 9.64
C GLU A 288 8.51 3.43 8.67
N ARG A 289 7.28 2.98 8.38
CA ARG A 289 7.15 1.84 7.49
CA ARG A 289 7.02 1.90 7.42
C ARG A 289 7.58 2.13 6.02
N VAL A 290 7.33 3.33 5.52
CA VAL A 290 7.69 3.67 4.15
C VAL A 290 9.18 3.92 3.98
N ILE A 291 9.80 4.66 4.91
CA ILE A 291 11.25 4.77 5.00
C ILE A 291 11.82 3.38 5.01
N GLY A 292 11.34 2.52 5.90
CA GLY A 292 11.85 1.18 5.92
C GLY A 292 11.69 0.43 4.59
N HIS A 293 10.50 0.49 4.05
CA HIS A 293 10.16 -0.18 2.77
C HIS A 293 11.17 0.16 1.70
N GLU A 294 11.35 1.45 1.42
CA GLU A 294 12.29 1.84 0.36
C GLU A 294 13.71 1.41 0.65
N TYR A 295 14.13 1.50 1.92
CA TYR A 295 15.39 0.99 2.33
C TYR A 295 15.54 -0.50 2.05
N PHE A 296 14.55 -1.28 2.46
CA PHE A 296 14.56 -2.72 2.23
C PHE A 296 14.65 -3.12 0.77
N HIS A 297 14.16 -2.28 -0.13
CA HIS A 297 14.27 -2.56 -1.50
C HIS A 297 15.76 -2.58 -1.96
N ASN A 298 16.66 -1.96 -1.18
CA ASN A 298 18.05 -1.93 -1.62
C ASN A 298 18.56 -3.34 -1.94
N TRP A 299 18.11 -4.33 -1.16
CA TRP A 299 18.39 -5.72 -1.49
C TRP A 299 17.24 -6.33 -2.27
N THR A 300 16.00 -6.23 -1.75
CA THR A 300 14.91 -6.90 -2.41
C THR A 300 14.29 -5.99 -3.44
N GLY A 301 14.93 -5.90 -4.62
CA GLY A 301 14.52 -4.96 -5.67
C GLY A 301 15.71 -4.39 -6.46
N ASN A 302 16.75 -3.96 -5.75
CA ASN A 302 17.89 -3.32 -6.41
C ASN A 302 19.06 -4.30 -6.63
N ARG A 303 19.62 -4.87 -5.55
CA ARG A 303 20.70 -5.85 -5.70
C ARG A 303 20.16 -7.07 -6.46
N VAL A 304 18.91 -7.50 -6.20
CA VAL A 304 18.23 -8.41 -7.07
C VAL A 304 16.98 -7.73 -7.54
N THR A 305 16.86 -7.55 -8.86
CA THR A 305 15.77 -6.83 -9.48
C THR A 305 14.82 -7.77 -10.23
N CYS A 306 13.90 -7.21 -11.00
CA CYS A 306 12.86 -8.01 -11.69
C CYS A 306 13.22 -8.24 -13.16
N ARG A 307 13.14 -9.49 -13.63
CA ARG A 307 13.36 -9.81 -15.04
C ARG A 307 12.37 -9.08 -15.97
N ASP A 308 11.14 -8.90 -15.54
CA ASP A 308 10.13 -8.27 -16.33
C ASP A 308 9.07 -7.78 -15.34
N TRP A 309 8.16 -6.91 -15.79
CA TRP A 309 7.22 -6.26 -14.83
C TRP A 309 6.10 -7.19 -14.34
N PHE A 310 5.88 -8.32 -15.02
CA PHE A 310 5.01 -9.31 -14.49
C PHE A 310 5.55 -9.89 -13.18
N GLN A 311 6.86 -9.82 -12.97
CA GLN A 311 7.47 -10.24 -11.68
C GLN A 311 7.46 -9.20 -10.56
N LEU A 312 6.68 -8.14 -10.69
CA LEU A 312 6.70 -7.04 -9.77
C LEU A 312 6.59 -7.50 -8.30
N SER A 313 5.74 -8.45 -8.03
CA SER A 313 5.60 -8.93 -6.62
C SER A 313 6.86 -9.54 -6.04
N LEU A 314 7.77 -10.04 -6.89
CA LEU A 314 9.05 -10.55 -6.44
C LEU A 314 9.71 -9.50 -5.51
N LYS A 315 9.67 -8.22 -5.91
CA LYS A 315 10.21 -7.18 -5.07
C LYS A 315 9.11 -6.58 -4.18
N GLU A 316 7.87 -6.41 -4.69
CA GLU A 316 6.88 -5.67 -3.86
C GLU A 316 6.32 -6.50 -2.73
N GLY A 317 5.96 -7.74 -2.98
CA GLY A 317 5.40 -8.61 -1.93
C GLY A 317 6.47 -8.84 -0.85
N LEU A 318 7.69 -9.13 -1.30
CA LEU A 318 8.78 -9.38 -0.41
C LEU A 318 9.16 -8.18 0.40
N THR A 319 9.16 -6.99 -0.22
CA THR A 319 9.51 -5.79 0.49
C THR A 319 8.40 -5.33 1.45
N VAL A 320 7.14 -5.52 1.07
CA VAL A 320 6.04 -5.30 2.01
C VAL A 320 6.15 -6.22 3.20
N PHE A 321 6.43 -7.49 2.95
CA PHE A 321 6.64 -8.40 4.05
C PHE A 321 7.73 -7.91 5.02
N ARG A 322 8.84 -7.46 4.43
CA ARG A 322 9.92 -6.92 5.21
C ARG A 322 9.49 -5.68 5.96
N ASP A 323 8.79 -4.74 5.33
CA ASP A 323 8.34 -3.58 6.08
C ASP A 323 7.40 -3.95 7.26
N GLN A 324 6.53 -4.93 7.04
CA GLN A 324 5.65 -5.39 8.07
C GLN A 324 6.38 -6.04 9.24
N GLU A 325 7.37 -6.84 8.93
CA GLU A 325 8.21 -7.45 9.93
C GLU A 325 9.05 -6.43 10.76
N PHE A 326 9.51 -5.40 10.11
CA PHE A 326 10.22 -4.29 10.68
C PHE A 326 9.27 -3.58 11.68
N SER A 327 8.13 -3.14 11.17
CA SER A 327 7.13 -2.50 12.01
C SER A 327 6.73 -3.33 13.20
N SER A 328 6.47 -4.59 12.90
CA SER A 328 6.04 -5.53 13.88
C SER A 328 7.09 -5.81 14.98
N ASP A 329 8.35 -5.92 14.60
CA ASP A 329 9.41 -6.16 15.52
C ASP A 329 9.59 -4.90 16.38
N LEU A 330 9.59 -3.73 15.80
CA LEU A 330 9.85 -2.49 16.57
C LEU A 330 8.67 -2.08 17.43
N GLY A 331 7.47 -2.29 16.90
CA GLY A 331 6.27 -1.83 17.57
C GLY A 331 5.42 -2.98 18.10
N SER A 332 4.13 -2.86 17.95
CA SER A 332 3.20 -3.88 18.40
C SER A 332 2.97 -4.85 17.24
N ARG A 333 3.41 -6.08 17.37
CA ARG A 333 3.16 -7.05 16.33
C ARG A 333 1.63 -7.29 16.13
N ALA A 334 0.90 -7.41 17.25
CA ALA A 334 -0.55 -7.58 17.12
C ALA A 334 -1.24 -6.47 16.39
N VAL A 335 -0.96 -5.20 16.69
CA VAL A 335 -1.61 -4.14 16.03
C VAL A 335 -1.26 -4.15 14.51
N ASN A 336 0.02 -4.35 14.20
CA ASN A 336 0.44 -4.45 12.79
C ASN A 336 -0.33 -5.56 12.08
N ARG A 337 -0.42 -6.72 12.70
CA ARG A 337 -1.02 -7.85 12.01
C ARG A 337 -2.53 -7.52 11.82
N ILE A 338 -3.17 -7.07 12.87
CA ILE A 338 -4.62 -6.67 12.80
C ILE A 338 -4.83 -5.71 11.66
N ASN A 339 -4.05 -4.66 11.59
CA ASN A 339 -4.24 -3.69 10.53
C ASN A 339 -3.95 -4.19 9.11
N ASN A 340 -2.97 -5.06 8.98
CA ASN A 340 -2.73 -5.69 7.68
C ASN A 340 -3.83 -6.65 7.26
N VAL A 341 -4.47 -7.27 8.24
CA VAL A 341 -5.61 -8.09 8.01
C VAL A 341 -6.84 -7.30 7.59
N ARG A 342 -7.05 -6.19 8.27
CA ARG A 342 -8.12 -5.28 7.90
C ARG A 342 -7.97 -4.83 6.42
N THR A 343 -6.77 -4.49 6.02
CA THR A 343 -6.49 -4.15 4.62
C THR A 343 -6.79 -5.29 3.69
N MET A 344 -6.32 -6.45 4.04
CA MET A 344 -6.53 -7.60 3.15
C MET A 344 -8.04 -7.86 2.99
N ARG A 345 -8.74 -7.97 4.10
CA ARG A 345 -10.15 -8.43 4.02
C ARG A 345 -11.06 -7.34 3.55
N GLY A 346 -10.70 -6.12 3.84
CA GLY A 346 -11.49 -5.02 3.46
C GLY A 346 -11.31 -4.27 2.15
N LEU A 347 -10.07 -4.26 1.66
CA LEU A 347 -9.66 -3.58 0.44
C LEU A 347 -9.14 -4.58 -0.59
N GLN A 348 -8.29 -5.53 -0.20
CA GLN A 348 -7.78 -6.46 -1.24
C GLN A 348 -8.78 -7.49 -1.66
N PHE A 349 -9.55 -8.03 -0.73
CA PHE A 349 -10.59 -8.97 -1.12
C PHE A 349 -11.54 -8.34 -2.18
N ALA A 350 -11.84 -7.08 -2.02
CA ALA A 350 -12.72 -6.38 -2.94
C ALA A 350 -12.11 -6.27 -4.36
N GLU A 351 -10.78 -6.08 -4.42
CA GLU A 351 -10.13 -6.06 -5.70
C GLU A 351 -10.17 -7.45 -6.37
N ASP A 352 -9.93 -8.49 -5.58
CA ASP A 352 -9.90 -9.85 -6.05
C ASP A 352 -11.31 -10.35 -6.50
N ALA A 353 -12.34 -9.60 -6.20
CA ALA A 353 -13.67 -9.95 -6.68
C ALA A 353 -14.11 -8.95 -7.77
N SER A 354 -13.18 -8.10 -8.22
CA SER A 354 -13.54 -7.00 -9.13
C SER A 354 -13.12 -7.35 -10.56
N PRO A 355 -13.53 -6.55 -11.51
CA PRO A 355 -13.08 -6.76 -12.90
C PRO A 355 -11.56 -6.67 -13.09
N MET A 356 -10.85 -5.97 -12.18
CA MET A 356 -9.40 -5.81 -12.25
C MET A 356 -8.68 -6.96 -11.56
N ALA A 357 -9.39 -8.03 -11.18
CA ALA A 357 -8.75 -9.14 -10.45
C ALA A 357 -7.57 -9.71 -11.23
N HIS A 358 -6.47 -9.98 -10.52
CA HIS A 358 -5.28 -10.58 -11.13
C HIS A 358 -4.56 -11.39 -10.12
N PRO A 359 -3.76 -12.34 -10.58
CA PRO A 359 -2.88 -13.05 -9.68
C PRO A 359 -1.73 -12.13 -9.23
N ILE A 360 -1.06 -12.50 -8.15
CA ILE A 360 0.03 -11.67 -7.70
C ILE A 360 1.13 -11.53 -8.74
N ARG A 361 1.28 -12.54 -9.58
CA ARG A 361 2.11 -12.43 -10.79
C ARG A 361 1.13 -12.35 -11.97
N PRO A 362 0.85 -11.15 -12.47
CA PRO A 362 -0.12 -11.04 -13.53
C PRO A 362 0.31 -11.72 -14.84
N ASP A 363 -0.70 -12.09 -15.62
CA ASP A 363 -0.50 -12.72 -16.95
C ASP A 363 -0.65 -11.78 -18.10
N MET A 364 -1.37 -10.70 -17.88
CA MET A 364 -1.76 -9.76 -18.93
C MET A 364 -1.87 -8.34 -18.36
N VAL A 365 -1.22 -7.39 -19.04
CA VAL A 365 -1.19 -6.06 -18.65
C VAL A 365 -1.27 -5.13 -19.86
N ILE A 366 -2.10 -4.08 -19.78
CA ILE A 366 -2.12 -3.03 -20.82
C ILE A 366 -1.26 -1.92 -20.37
N GLU A 367 -1.53 -1.39 -19.19
CA GLU A 367 -0.70 -0.32 -18.62
C GLU A 367 -0.14 -0.81 -17.28
N MET A 368 1.18 -0.95 -17.21
CA MET A 368 1.81 -1.58 -16.03
C MET A 368 1.68 -0.71 -14.82
N ASN A 369 1.46 0.60 -14.98
CA ASN A 369 1.25 1.40 -13.78
C ASN A 369 -0.08 1.08 -13.13
N ASN A 370 -0.97 0.35 -13.82
CA ASN A 370 -2.24 -0.13 -13.20
C ASN A 370 -2.05 -1.33 -12.28
N PHE A 371 -0.88 -1.96 -12.23
CA PHE A 371 -0.67 -3.14 -11.46
C PHE A 371 0.21 -2.95 -10.22
N TYR A 372 0.27 -1.72 -9.71
CA TYR A 372 0.86 -1.39 -8.42
C TYR A 372 -0.26 -1.49 -7.40
N THR A 373 -0.71 -2.74 -7.14
CA THR A 373 -1.99 -2.99 -6.53
C THR A 373 -1.93 -3.57 -5.12
N LEU A 374 -3.05 -3.47 -4.41
CA LEU A 374 -3.23 -4.23 -3.17
C LEU A 374 -2.95 -5.66 -3.35
N THR A 375 -3.29 -6.21 -4.52
CA THR A 375 -3.00 -7.60 -4.76
C THR A 375 -1.46 -7.84 -4.83
N VAL A 376 -0.81 -7.14 -5.72
CA VAL A 376 0.65 -7.32 -5.88
C VAL A 376 1.44 -7.06 -4.58
N TYR A 377 1.03 -6.00 -3.88
CA TYR A 377 1.72 -5.58 -2.67
C TYR A 377 1.27 -6.42 -1.44
N GLU A 378 0.01 -6.28 -1.04
N GLU A 378 0.00 -6.27 -1.06
CA GLU A 378 -0.47 -6.87 0.20
CA GLU A 378 -0.50 -6.83 0.17
C GLU A 378 -0.74 -8.35 0.13
C GLU A 378 -0.77 -8.33 0.13
N LYS A 379 -1.46 -8.80 -0.90
CA LYS A 379 -1.60 -10.24 -1.09
C LYS A 379 -0.22 -10.85 -1.42
N GLY A 380 0.62 -10.12 -2.17
CA GLY A 380 2.01 -10.63 -2.34
C GLY A 380 2.70 -10.92 -1.02
N ALA A 381 2.60 -9.97 -0.09
CA ALA A 381 3.21 -10.13 1.21
C ALA A 381 2.60 -11.28 1.99
N GLU A 382 1.29 -11.44 1.91
CA GLU A 382 0.65 -12.62 2.59
C GLU A 382 1.22 -13.95 1.99
N VAL A 383 1.49 -13.96 0.69
CA VAL A 383 2.12 -15.12 0.05
C VAL A 383 3.54 -15.41 0.55
N ILE A 384 4.34 -14.36 0.69
CA ILE A 384 5.64 -14.48 1.36
C ILE A 384 5.48 -14.98 2.81
N ARG A 385 4.50 -14.44 3.52
CA ARG A 385 4.29 -14.82 4.93
C ARG A 385 3.83 -16.28 5.04
N MET A 386 3.10 -16.77 4.04
CA MET A 386 2.80 -18.17 3.94
C MET A 386 4.06 -19.05 3.79
N ILE A 387 5.02 -18.60 2.95
CA ILE A 387 6.30 -19.30 2.86
C ILE A 387 6.95 -19.33 4.23
N HIS A 388 6.99 -18.22 4.90
CA HIS A 388 7.57 -18.10 6.25
C HIS A 388 6.85 -19.03 7.19
N THR A 389 5.50 -19.10 7.14
CA THR A 389 4.76 -20.01 8.01
C THR A 389 5.11 -21.48 7.71
N LEU A 390 5.24 -21.85 6.45
CA LEU A 390 5.56 -23.19 6.08
C LEU A 390 7.00 -23.54 6.43
N LEU A 391 7.92 -22.60 6.34
CA LEU A 391 9.37 -22.95 6.53
C LEU A 391 9.90 -22.73 7.89
N GLY A 392 9.37 -21.76 8.58
CA GLY A 392 9.90 -21.30 9.85
C GLY A 392 10.94 -20.23 9.55
N GLU A 393 11.25 -19.42 10.54
CA GLU A 393 12.21 -18.31 10.38
C GLU A 393 13.59 -18.77 9.89
N GLU A 394 14.18 -19.80 10.52
CA GLU A 394 15.55 -20.19 10.21
C GLU A 394 15.62 -20.66 8.75
N ASN A 395 14.71 -21.55 8.32
CA ASN A 395 14.73 -22.00 6.94
C ASN A 395 14.39 -20.85 5.97
N PHE A 396 13.51 -19.96 6.38
CA PHE A 396 13.14 -18.80 5.50
C PHE A 396 14.41 -17.95 5.24
N GLN A 397 15.15 -17.71 6.28
CA GLN A 397 16.41 -16.92 6.18
C GLN A 397 17.46 -17.66 5.34
N LYS A 398 17.55 -19.00 5.48
CA LYS A 398 18.39 -19.75 4.58
C LYS A 398 17.98 -19.59 3.11
N GLY A 399 16.69 -19.58 2.89
CA GLY A 399 16.16 -19.24 1.57
C GLY A 399 16.52 -17.85 1.06
N MET A 400 16.37 -16.81 1.91
CA MET A 400 16.76 -15.46 1.57
C MET A 400 18.25 -15.49 1.15
N GLN A 401 19.06 -16.22 1.92
CA GLN A 401 20.54 -16.25 1.72
C GLN A 401 20.85 -16.92 0.38
N LEU A 402 20.10 -17.93 0.06
CA LEU A 402 20.32 -18.64 -1.20
C LEU A 402 19.85 -17.83 -2.39
N TYR A 403 18.75 -17.16 -2.21
CA TYR A 403 18.21 -16.22 -3.21
C TYR A 403 19.27 -15.15 -3.61
N PHE A 404 19.81 -14.49 -2.62
CA PHE A 404 20.85 -13.48 -2.86
C PHE A 404 22.14 -14.08 -3.42
N GLU A 405 22.56 -15.22 -2.90
CA GLU A 405 23.74 -15.87 -3.39
C GLU A 405 23.57 -16.22 -4.87
N ARG A 406 22.43 -16.77 -5.27
CA ARG A 406 22.23 -17.04 -6.71
C ARG A 406 22.00 -15.82 -7.57
N HIS A 407 21.26 -14.83 -7.07
CA HIS A 407 20.73 -13.81 -7.94
C HIS A 407 21.25 -12.38 -7.76
N ASP A 408 22.12 -12.17 -6.79
CA ASP A 408 22.75 -10.89 -6.60
C ASP A 408 23.37 -10.37 -7.86
N GLY A 409 23.03 -9.16 -8.22
CA GLY A 409 23.52 -8.50 -9.48
C GLY A 409 22.76 -8.84 -10.72
N SER A 410 21.60 -9.46 -10.57
CA SER A 410 20.80 -9.86 -11.69
C SER A 410 19.31 -9.55 -11.51
N ALA A 411 18.55 -9.70 -12.62
CA ALA A 411 17.11 -9.53 -12.62
C ALA A 411 16.53 -10.95 -12.50
N ALA A 412 15.63 -11.21 -11.57
CA ALA A 412 15.14 -12.53 -11.36
C ALA A 412 13.63 -12.62 -11.49
N THR A 413 13.09 -13.80 -11.29
CA THR A 413 11.67 -14.06 -11.39
C THR A 413 11.09 -14.54 -10.06
N CYS A 414 9.78 -14.40 -9.92
CA CYS A 414 9.08 -14.99 -8.77
C CYS A 414 9.43 -16.43 -8.61
N ASP A 415 9.42 -17.18 -9.71
CA ASP A 415 9.77 -18.61 -9.65
C ASP A 415 11.17 -18.86 -9.08
N ASP A 416 12.16 -18.02 -9.44
CA ASP A 416 13.52 -18.14 -8.90
C ASP A 416 13.47 -17.98 -7.41
N PHE A 417 12.68 -17.04 -6.89
CA PHE A 417 12.61 -16.88 -5.44
C PHE A 417 12.01 -18.08 -4.75
N VAL A 418 10.88 -18.53 -5.28
CA VAL A 418 10.28 -19.77 -4.75
C VAL A 418 11.26 -20.94 -4.77
N GLN A 419 11.98 -21.10 -5.88
CA GLN A 419 12.95 -22.18 -5.93
C GLN A 419 14.04 -22.08 -4.90
N ALA A 420 14.55 -20.87 -4.64
CA ALA A 420 15.54 -20.67 -3.59
C ALA A 420 15.00 -21.10 -2.23
N MET A 421 13.74 -20.72 -1.94
CA MET A 421 13.17 -21.09 -0.65
C MET A 421 13.05 -22.60 -0.51
N GLU A 422 12.57 -23.21 -1.57
CA GLU A 422 12.41 -24.66 -1.65
C GLU A 422 13.73 -25.41 -1.54
N ASP A 423 14.71 -24.96 -2.27
CA ASP A 423 16.03 -25.59 -2.26
C ASP A 423 16.75 -25.43 -0.94
N ALA A 424 16.66 -24.27 -0.27
CA ALA A 424 17.35 -24.04 0.96
C ALA A 424 16.70 -24.81 2.10
N SER A 425 15.39 -24.97 2.04
CA SER A 425 14.68 -25.53 3.16
C SER A 425 14.36 -27.00 3.07
N ASN A 426 14.38 -27.54 1.86
CA ASN A 426 13.83 -28.82 1.50
C ASN A 426 12.32 -28.93 1.74
N VAL A 427 11.59 -27.83 1.76
CA VAL A 427 10.15 -27.91 1.78
C VAL A 427 9.67 -27.82 0.34
N ASP A 428 8.81 -28.73 -0.06
CA ASP A 428 8.27 -28.80 -1.42
C ASP A 428 7.26 -27.69 -1.60
N LEU A 429 7.54 -26.77 -2.52
CA LEU A 429 6.66 -25.64 -2.85
C LEU A 429 6.10 -25.72 -4.24
N SER A 430 6.10 -26.92 -4.85
CA SER A 430 5.51 -27.06 -6.14
C SER A 430 4.04 -26.67 -6.22
N HIS A 431 3.28 -27.22 -5.33
CA HIS A 431 1.86 -26.89 -5.30
C HIS A 431 1.67 -25.45 -4.86
N PHE A 432 2.47 -25.04 -3.89
CA PHE A 432 2.42 -23.66 -3.36
C PHE A 432 2.50 -22.58 -4.46
N ARG A 433 3.26 -22.87 -5.51
CA ARG A 433 3.40 -21.93 -6.64
C ARG A 433 2.12 -21.49 -7.27
N ARG A 434 1.06 -22.29 -7.15
CA ARG A 434 -0.22 -21.86 -7.70
C ARG A 434 -0.72 -20.56 -7.09
N TRP A 435 -0.27 -20.22 -5.87
CA TRP A 435 -0.62 -18.89 -5.31
C TRP A 435 -0.14 -17.72 -6.19
N TYR A 436 0.90 -17.96 -6.98
CA TYR A 436 1.37 -16.95 -7.93
C TYR A 436 0.57 -16.77 -9.21
N SER A 437 -0.11 -17.82 -9.67
CA SER A 437 -0.76 -17.85 -10.97
C SER A 437 -2.26 -17.85 -10.87
N GLN A 438 -2.86 -17.96 -9.67
CA GLN A 438 -4.28 -17.95 -9.51
C GLN A 438 -4.78 -16.77 -8.81
N SER A 439 -5.80 -16.10 -9.40
CA SER A 439 -6.42 -14.95 -8.79
C SER A 439 -7.64 -15.38 -7.93
N GLY A 440 -8.19 -14.42 -7.23
CA GLY A 440 -9.39 -14.58 -6.43
C GLY A 440 -9.10 -15.04 -5.00
N THR A 441 -10.07 -14.86 -4.11
CA THR A 441 -9.90 -15.25 -2.73
C THR A 441 -10.48 -16.68 -2.47
N PRO A 442 -9.68 -17.62 -2.00
CA PRO A 442 -10.22 -18.93 -1.58
C PRO A 442 -11.14 -18.78 -0.38
N ILE A 443 -12.19 -19.56 -0.46
CA ILE A 443 -13.13 -19.76 0.64
C ILE A 443 -12.88 -21.12 1.29
N VAL A 444 -12.55 -21.06 2.59
CA VAL A 444 -12.27 -22.27 3.33
C VAL A 444 -13.42 -22.55 4.30
N THR A 445 -14.04 -23.72 4.15
CA THR A 445 -15.19 -24.16 4.98
C THR A 445 -14.76 -25.22 5.93
N VAL A 446 -15.02 -25.00 7.21
CA VAL A 446 -14.64 -25.91 8.27
C VAL A 446 -15.90 -26.41 9.03
N LYS A 447 -15.99 -27.71 9.18
CA LYS A 447 -16.94 -28.38 10.08
C LYS A 447 -16.13 -29.19 11.08
N ASP A 448 -16.69 -29.38 12.26
CA ASP A 448 -16.03 -30.15 13.27
C ASP A 448 -16.88 -31.21 13.93
N ASP A 449 -16.21 -32.14 14.60
CA ASP A 449 -16.93 -33.22 15.29
C ASP A 449 -16.10 -33.60 16.45
N TYR A 450 -16.70 -33.67 17.64
CA TYR A 450 -16.05 -34.22 18.78
C TYR A 450 -16.69 -35.52 19.17
N ASN A 451 -15.87 -36.55 19.33
CA ASN A 451 -16.32 -37.92 19.61
C ASN A 451 -15.88 -38.24 21.08
N PRO A 452 -16.83 -38.17 22.01
CA PRO A 452 -16.44 -38.38 23.43
C PRO A 452 -16.03 -39.84 23.72
N GLU A 453 -16.46 -40.75 22.91
CA GLU A 453 -16.14 -42.17 23.16
C GLU A 453 -14.68 -42.39 22.85
N THR A 454 -14.19 -41.83 21.75
CA THR A 454 -12.79 -42.04 21.41
C THR A 454 -11.84 -40.89 21.78
N GLU A 455 -12.39 -39.76 22.25
CA GLU A 455 -11.65 -38.56 22.54
C GLU A 455 -10.82 -38.09 21.32
N GLN A 456 -11.53 -38.05 20.21
CA GLN A 456 -11.02 -37.56 18.93
C GLN A 456 -11.82 -36.38 18.47
N TYR A 457 -11.11 -35.41 17.90
CA TYR A 457 -11.73 -34.23 17.33
C TYR A 457 -11.36 -34.23 15.85
N THR A 458 -12.35 -34.07 15.00
CA THR A 458 -12.19 -34.16 13.56
C THR A 458 -12.56 -32.82 12.96
N LEU A 459 -11.63 -32.23 12.19
CA LEU A 459 -11.92 -31.12 11.33
C LEU A 459 -12.07 -31.55 9.91
N THR A 460 -13.23 -31.26 9.35
CA THR A 460 -13.46 -31.41 7.91
C THR A 460 -13.32 -30.08 7.20
N ILE A 461 -12.30 -29.96 6.33
CA ILE A 461 -11.96 -28.66 5.73
C ILE A 461 -12.05 -28.76 4.24
N SER A 462 -12.79 -27.84 3.66
CA SER A 462 -12.91 -27.77 2.22
CA SER A 462 -13.03 -27.73 2.22
C SER A 462 -12.53 -26.39 1.71
N GLN A 463 -12.10 -26.32 0.45
CA GLN A 463 -11.72 -25.09 -0.15
C GLN A 463 -12.27 -25.00 -1.51
N ARG A 464 -12.54 -23.78 -1.90
CA ARG A 464 -12.79 -23.50 -3.33
C ARG A 464 -12.51 -22.04 -3.58
N THR A 465 -12.14 -21.72 -4.81
CA THR A 465 -12.08 -20.33 -5.20
C THR A 465 -13.11 -20.10 -6.30
N PRO A 466 -13.98 -19.16 -6.15
CA PRO A 466 -14.91 -18.82 -7.22
C PRO A 466 -14.20 -18.31 -8.45
N ALA A 467 -14.78 -18.58 -9.63
CA ALA A 467 -14.17 -18.04 -10.86
C ALA A 467 -14.11 -16.52 -10.73
N THR A 468 -13.14 -15.93 -11.39
CA THR A 468 -13.04 -14.47 -11.41
C THR A 468 -13.14 -14.05 -12.87
N PRO A 469 -13.28 -12.74 -13.10
CA PRO A 469 -13.50 -12.30 -14.48
C PRO A 469 -12.33 -12.60 -15.35
N ASP A 470 -11.15 -12.67 -14.75
CA ASP A 470 -9.93 -12.99 -15.54
C ASP A 470 -9.61 -14.45 -15.73
N GLN A 471 -10.17 -15.36 -14.95
CA GLN A 471 -9.83 -16.75 -14.96
C GLN A 471 -11.05 -17.58 -14.73
N ALA A 472 -11.34 -18.43 -15.70
CA ALA A 472 -12.53 -19.29 -15.59
C ALA A 472 -12.20 -20.58 -14.86
N GLU A 473 -10.94 -20.94 -14.77
CA GLU A 473 -10.57 -22.20 -14.18
C GLU A 473 -9.88 -21.92 -12.84
N LYS A 474 -10.20 -22.66 -11.80
CA LYS A 474 -9.54 -22.53 -10.50
C LYS A 474 -9.25 -23.88 -9.99
N GLN A 475 -8.16 -24.05 -9.25
CA GLN A 475 -7.83 -25.29 -8.60
C GLN A 475 -7.49 -25.04 -7.13
N PRO A 476 -7.46 -26.14 -6.32
CA PRO A 476 -7.09 -26.03 -4.90
C PRO A 476 -5.63 -25.55 -4.68
N LEU A 477 -5.45 -24.70 -3.67
CA LEU A 477 -4.17 -24.19 -3.27
C LEU A 477 -3.58 -24.95 -2.10
N HIS A 478 -2.28 -24.75 -1.88
CA HIS A 478 -1.61 -25.27 -0.69
C HIS A 478 -1.79 -24.23 0.39
N ILE A 479 -2.80 -24.46 1.24
CA ILE A 479 -3.26 -23.46 2.21
C ILE A 479 -2.71 -23.84 3.60
N PRO A 480 -1.76 -23.07 4.14
CA PRO A 480 -1.34 -23.32 5.52
C PRO A 480 -2.39 -22.81 6.47
N PHE A 481 -2.99 -23.76 7.19
CA PHE A 481 -4.19 -23.52 8.02
C PHE A 481 -3.88 -23.72 9.46
N ALA A 482 -3.55 -22.65 10.15
CA ALA A 482 -3.10 -22.77 11.58
C ALA A 482 -4.27 -22.88 12.54
N ILE A 483 -4.15 -23.76 13.54
CA ILE A 483 -5.21 -23.92 14.50
C ILE A 483 -4.65 -23.92 15.90
N GLU A 484 -5.53 -23.74 16.85
CA GLU A 484 -5.27 -24.00 18.24
C GLU A 484 -6.54 -24.44 18.91
N LEU A 485 -6.47 -25.43 19.81
CA LEU A 485 -7.68 -25.99 20.44
C LEU A 485 -7.70 -25.67 21.91
N TYR A 486 -8.77 -25.04 22.41
CA TYR A 486 -8.88 -24.64 23.80
C TYR A 486 -9.80 -25.53 24.58
N ASP A 487 -9.37 -25.95 25.75
CA ASP A 487 -10.27 -26.66 26.66
C ASP A 487 -11.23 -25.69 27.39
N ASN A 488 -12.04 -26.20 28.33
CA ASN A 488 -13.06 -25.38 29.04
C ASN A 488 -12.48 -24.44 30.01
N GLU A 489 -11.20 -24.56 30.37
CA GLU A 489 -10.58 -23.56 31.21
C GLU A 489 -9.78 -22.60 30.41
N GLY A 490 -9.77 -22.68 29.07
CA GLY A 490 -8.94 -21.74 28.32
C GLY A 490 -7.49 -22.17 28.07
N LYS A 491 -7.18 -23.41 28.31
CA LYS A 491 -5.83 -23.97 28.08
C LYS A 491 -5.73 -24.66 26.76
N VAL A 492 -4.55 -24.56 26.17
CA VAL A 492 -4.29 -25.20 24.89
C VAL A 492 -4.23 -26.71 25.03
N ILE A 493 -4.98 -27.42 24.21
CA ILE A 493 -4.98 -28.87 24.16
C ILE A 493 -3.83 -29.25 23.20
N PRO A 494 -2.87 -30.08 23.68
CA PRO A 494 -1.78 -30.52 22.76
C PRO A 494 -2.34 -31.26 21.55
N LEU A 495 -1.91 -30.88 20.34
CA LEU A 495 -2.36 -31.56 19.14
C LEU A 495 -1.54 -32.80 18.90
N GLN A 496 -2.19 -33.92 18.66
CA GLN A 496 -1.49 -35.19 18.51
C GLN A 496 -2.35 -36.16 17.84
N LYS A 497 -1.70 -37.14 17.22
CA LYS A 497 -2.37 -38.18 16.54
C LYS A 497 -1.53 -39.49 16.57
N GLY A 498 -2.15 -40.61 16.92
CA GLY A 498 -1.46 -41.93 17.00
C GLY A 498 -0.20 -41.87 17.86
N GLY A 499 -0.24 -41.11 18.92
CA GLY A 499 0.85 -40.97 19.83
C GLY A 499 1.98 -40.05 19.44
N HIS A 500 1.81 -39.21 18.42
CA HIS A 500 2.85 -38.23 18.04
C HIS A 500 2.26 -36.85 17.92
N PRO A 501 3.00 -35.79 18.32
CA PRO A 501 2.61 -34.43 18.05
C PRO A 501 2.34 -34.21 16.55
N VAL A 502 1.38 -33.31 16.28
CA VAL A 502 0.96 -32.89 15.00
C VAL A 502 1.25 -31.39 14.96
N ASN A 503 1.79 -30.96 13.84
CA ASN A 503 2.11 -29.54 13.68
C ASN A 503 0.74 -28.79 13.67
N SER A 504 0.71 -27.63 14.27
CA SER A 504 -0.55 -26.86 14.37
C SER A 504 -0.87 -26.09 13.05
N VAL A 505 0.09 -26.05 12.13
CA VAL A 505 -0.15 -25.59 10.77
C VAL A 505 -0.59 -26.74 9.90
N LEU A 506 -1.88 -26.82 9.64
CA LEU A 506 -2.39 -27.90 8.78
C LEU A 506 -2.19 -27.62 7.29
N ASN A 507 -1.77 -28.61 6.54
CA ASN A 507 -1.59 -28.42 5.12
C ASN A 507 -2.90 -28.76 4.40
N VAL A 508 -3.73 -27.76 4.13
CA VAL A 508 -4.95 -27.93 3.49
C VAL A 508 -4.64 -27.82 1.98
N THR A 509 -4.48 -28.96 1.33
CA THR A 509 -4.07 -29.01 -0.08
C THR A 509 -5.10 -29.54 -1.06
N GLN A 510 -6.24 -30.05 -0.55
CA GLN A 510 -7.23 -30.69 -1.41
C GLN A 510 -8.52 -29.91 -1.38
N ALA A 511 -9.47 -30.29 -2.25
CA ALA A 511 -10.80 -29.67 -2.26
C ALA A 511 -11.46 -29.98 -0.95
N GLU A 512 -11.22 -31.16 -0.42
CA GLU A 512 -11.80 -31.56 0.85
C GLU A 512 -10.91 -32.53 1.52
N GLN A 513 -10.75 -32.40 2.82
CA GLN A 513 -9.96 -33.36 3.58
C GLN A 513 -10.35 -33.33 5.05
N THR A 514 -9.96 -34.37 5.80
CA THR A 514 -10.25 -34.39 7.21
C THR A 514 -8.99 -34.47 7.97
N PHE A 515 -8.99 -33.85 9.13
CA PHE A 515 -7.86 -33.96 10.05
C PHE A 515 -8.37 -34.48 11.35
N VAL A 516 -7.71 -35.49 11.89
CA VAL A 516 -8.17 -36.13 13.13
C VAL A 516 -7.16 -35.97 14.18
N PHE A 517 -7.59 -35.54 15.37
CA PHE A 517 -6.73 -35.32 16.52
C PHE A 517 -7.15 -36.27 17.64
N ASP A 518 -6.19 -36.91 18.35
CA ASP A 518 -6.39 -37.94 19.38
CA ASP A 518 -6.63 -37.79 19.43
C ASP A 518 -6.13 -37.30 20.73
N ASN A 519 -6.54 -37.98 21.81
CA ASN A 519 -6.27 -37.45 23.16
C ASN A 519 -6.83 -36.03 23.34
N VAL A 520 -8.02 -35.81 22.79
CA VAL A 520 -8.70 -34.52 22.94
C VAL A 520 -9.70 -34.78 24.09
N TYR A 521 -9.29 -34.42 25.26
CA TYR A 521 -9.94 -34.84 26.52
C TYR A 521 -11.22 -33.97 26.85
N PHE A 522 -11.39 -32.87 26.15
CA PHE A 522 -12.53 -32.00 26.30
C PHE A 522 -12.92 -31.51 24.91
N GLN A 523 -14.22 -31.29 24.74
CA GLN A 523 -14.73 -30.74 23.49
C GLN A 523 -14.03 -29.36 23.32
N PRO A 524 -13.31 -29.16 22.25
CA PRO A 524 -12.62 -27.93 22.14
C PRO A 524 -13.42 -26.72 21.62
N VAL A 525 -12.94 -25.55 21.95
CA VAL A 525 -13.26 -24.33 21.21
C VAL A 525 -12.04 -24.12 20.31
N PRO A 526 -12.23 -24.12 18.98
CA PRO A 526 -11.08 -23.93 18.10
C PRO A 526 -10.79 -22.47 17.84
N ALA A 527 -9.50 -22.11 17.77
CA ALA A 527 -9.07 -20.89 17.10
C ALA A 527 -8.59 -21.35 15.71
N LEU A 528 -9.23 -20.84 14.67
CA LEU A 528 -9.05 -21.24 13.31
C LEU A 528 -8.39 -20.13 12.46
N LEU A 529 -7.57 -20.56 11.51
CA LEU A 529 -6.85 -19.60 10.66
C LEU A 529 -6.04 -18.61 11.48
N CYS A 530 -5.31 -19.13 12.46
CA CYS A 530 -4.61 -18.27 13.45
C CYS A 530 -3.62 -17.30 12.76
N GLU A 531 -3.53 -16.08 13.27
CA GLU A 531 -2.81 -14.94 12.72
CA GLU A 531 -2.66 -15.06 12.69
C GLU A 531 -2.99 -14.82 11.21
N PHE A 532 -4.21 -15.15 10.78
CA PHE A 532 -4.66 -15.08 9.37
C PHE A 532 -3.60 -15.80 8.55
N SER A 533 -3.50 -17.10 8.77
CA SER A 533 -2.37 -17.90 8.26
C SER A 533 -2.36 -18.11 6.77
N ALA A 534 -3.49 -17.84 6.12
CA ALA A 534 -3.64 -17.82 4.64
C ALA A 534 -4.67 -16.73 4.30
N PRO A 535 -4.57 -16.17 3.10
CA PRO A 535 -5.40 -15.03 2.76
C PRO A 535 -6.70 -15.54 2.16
N VAL A 536 -7.55 -16.01 3.06
CA VAL A 536 -8.78 -16.79 2.66
C VAL A 536 -9.98 -16.26 3.44
N LYS A 537 -11.16 -16.55 2.96
CA LYS A 537 -12.42 -16.31 3.71
C LYS A 537 -12.66 -17.56 4.51
N LEU A 538 -12.96 -17.44 5.76
CA LEU A 538 -13.20 -18.62 6.59
C LEU A 538 -14.67 -18.77 6.81
N GLU A 539 -15.23 -19.95 6.61
CA GLU A 539 -16.64 -20.17 6.94
CA GLU A 539 -16.67 -20.23 6.89
C GLU A 539 -16.70 -21.31 7.97
N TYR A 540 -17.05 -20.97 9.17
CA TYR A 540 -17.20 -21.92 10.28
C TYR A 540 -18.40 -21.37 11.03
N LYS A 541 -19.26 -22.27 11.45
CA LYS A 541 -20.52 -21.87 12.14
C LYS A 541 -20.28 -21.68 13.68
N TRP A 542 -19.62 -20.58 14.02
CA TRP A 542 -19.28 -20.17 15.36
C TRP A 542 -20.59 -19.91 16.17
N SER A 543 -20.65 -20.32 17.42
CA SER A 543 -21.71 -19.78 18.34
C SER A 543 -21.16 -18.49 18.89
N ASP A 544 -22.04 -17.60 19.37
CA ASP A 544 -21.61 -16.40 19.98
C ASP A 544 -20.73 -16.70 21.18
N GLN A 545 -21.10 -17.71 21.99
N GLN A 545 -21.12 -17.74 21.93
CA GLN A 545 -20.33 -17.99 23.19
CA GLN A 545 -20.37 -18.19 23.10
C GLN A 545 -18.91 -18.60 22.86
C GLN A 545 -18.92 -18.52 22.80
N GLN A 546 -18.73 -19.28 21.74
CA GLN A 546 -17.35 -19.70 21.33
C GLN A 546 -16.50 -18.47 21.07
N LEU A 547 -17.11 -17.45 20.46
CA LEU A 547 -16.40 -16.25 20.08
C LEU A 547 -16.06 -15.41 21.31
N THR A 548 -16.99 -15.26 22.24
CA THR A 548 -16.70 -14.46 23.42
C THR A 548 -15.71 -15.23 24.27
N PHE A 549 -15.76 -16.53 24.25
CA PHE A 549 -14.76 -17.35 24.97
C PHE A 549 -13.34 -17.06 24.41
N LEU A 550 -13.21 -17.06 23.08
CA LEU A 550 -11.94 -16.72 22.45
C LEU A 550 -11.49 -15.30 22.79
N MET A 551 -12.42 -14.36 22.88
CA MET A 551 -12.09 -12.98 23.24
C MET A 551 -11.47 -12.91 24.65
N ARG A 552 -11.90 -13.79 25.54
CA ARG A 552 -11.39 -13.89 26.94
C ARG A 552 -10.15 -14.71 27.04
N HIS A 553 -9.98 -15.73 26.22
CA HIS A 553 -8.94 -16.72 26.46
C HIS A 553 -7.88 -16.95 25.43
N ALA A 554 -8.12 -16.55 24.16
CA ALA A 554 -7.22 -16.94 23.14
C ALA A 554 -5.82 -16.45 23.47
N ARG A 555 -4.82 -17.28 23.19
CA ARG A 555 -3.47 -16.84 23.55
C ARG A 555 -2.82 -15.79 22.70
N ASN A 556 -3.08 -15.74 21.38
CA ASN A 556 -2.51 -14.70 20.56
C ASN A 556 -3.51 -13.55 20.53
N ASP A 557 -3.00 -12.34 20.72
CA ASP A 557 -3.80 -11.16 20.71
C ASP A 557 -4.62 -11.06 19.42
N PHE A 558 -4.05 -11.53 18.32
CA PHE A 558 -4.73 -11.40 17.05
C PHE A 558 -6.03 -12.18 17.11
N SER A 559 -5.98 -13.36 17.69
CA SER A 559 -7.14 -14.24 17.67
C SER A 559 -8.26 -13.64 18.49
N ARG A 560 -7.93 -12.91 19.57
CA ARG A 560 -8.97 -12.23 20.33
C ARG A 560 -9.66 -11.15 19.54
N TRP A 561 -8.88 -10.38 18.78
CA TRP A 561 -9.44 -9.43 17.85
C TRP A 561 -10.29 -10.08 16.80
N ASP A 562 -9.76 -11.11 16.19
CA ASP A 562 -10.46 -11.79 15.09
C ASP A 562 -11.82 -12.37 15.52
N ALA A 563 -11.86 -12.95 16.73
CA ALA A 563 -13.08 -13.51 17.29
C ALA A 563 -14.15 -12.38 17.48
N ALA A 564 -13.68 -11.21 17.92
CA ALA A 564 -14.54 -10.04 18.02
C ALA A 564 -15.10 -9.63 16.66
N GLN A 565 -14.28 -9.75 15.63
CA GLN A 565 -14.71 -9.41 14.26
C GLN A 565 -15.76 -10.39 13.75
N SER A 566 -15.57 -11.66 14.03
CA SER A 566 -16.56 -12.68 13.65
C SER A 566 -17.90 -12.48 14.43
N LEU A 567 -17.80 -12.08 15.69
CA LEU A 567 -19.01 -11.82 16.49
C LEU A 567 -19.78 -10.61 15.92
N LEU A 568 -19.08 -9.52 15.65
CA LEU A 568 -19.67 -8.38 15.07
C LEU A 568 -20.23 -8.61 13.68
N ALA A 569 -19.56 -9.39 12.86
CA ALA A 569 -19.99 -9.65 11.47
C ALA A 569 -21.44 -10.14 11.42
N THR A 570 -21.77 -11.11 12.27
CA THR A 570 -23.18 -11.59 12.37
C THR A 570 -24.21 -10.50 12.58
N TYR A 571 -23.86 -9.55 13.43
CA TYR A 571 -24.81 -8.53 13.82
C TYR A 571 -24.78 -7.35 12.90
N ILE A 572 -23.67 -7.15 12.22
CA ILE A 572 -23.63 -6.22 11.08
C ILE A 572 -24.53 -6.63 9.96
N LYS A 573 -24.45 -7.89 9.58
CA LYS A 573 -25.30 -8.46 8.57
C LYS A 573 -26.78 -8.37 8.96
N LEU A 574 -27.04 -8.78 10.21
CA LEU A 574 -28.41 -8.69 10.74
C LEU A 574 -28.96 -7.31 10.53
N ASN A 575 -28.22 -6.34 11.01
CA ASN A 575 -28.69 -5.00 11.06
C ASN A 575 -28.72 -4.24 9.74
N VAL A 576 -27.90 -4.68 8.76
CA VAL A 576 -28.08 -4.18 7.37
C VAL A 576 -29.41 -4.69 6.77
N ALA A 577 -29.72 -5.95 6.92
CA ALA A 577 -31.04 -6.43 6.54
C ALA A 577 -32.19 -5.71 7.19
N ARG A 578 -32.08 -5.41 8.48
CA ARG A 578 -33.05 -4.65 9.21
C ARG A 578 -33.19 -3.24 8.68
N HIS A 579 -32.06 -2.58 8.41
CA HIS A 579 -32.08 -1.25 7.83
C HIS A 579 -32.89 -1.24 6.51
N GLN A 580 -32.69 -2.22 5.68
CA GLN A 580 -33.43 -2.34 4.42
C GLN A 580 -34.94 -2.49 4.67
N GLN A 581 -35.35 -2.96 5.82
CA GLN A 581 -36.76 -3.21 6.11
C GLN A 581 -37.27 -2.02 6.94
N GLY A 582 -36.45 -0.98 7.19
CA GLY A 582 -36.88 0.14 7.99
C GLY A 582 -36.90 -0.12 9.49
N GLN A 583 -36.19 -1.13 9.98
CA GLN A 583 -36.26 -1.49 11.37
CA GLN A 583 -36.25 -1.47 11.38
C GLN A 583 -34.98 -1.00 12.12
N PRO A 584 -35.11 -0.72 13.38
CA PRO A 584 -33.92 -0.21 14.04
C PRO A 584 -32.96 -1.29 14.47
N LEU A 585 -31.81 -0.84 14.93
CA LEU A 585 -30.75 -1.75 15.33
C LEU A 585 -31.20 -2.68 16.45
N SER A 586 -30.78 -3.93 16.34
CA SER A 586 -31.06 -4.99 17.31
C SER A 586 -29.68 -5.61 17.65
N LEU A 587 -29.38 -5.74 18.92
CA LEU A 587 -28.10 -6.34 19.35
C LEU A 587 -28.32 -7.05 20.63
N PRO A 588 -27.99 -8.36 20.71
CA PRO A 588 -28.12 -8.97 22.02
C PRO A 588 -27.35 -8.34 23.17
N VAL A 589 -27.96 -8.33 24.35
CA VAL A 589 -27.26 -7.87 25.58
C VAL A 589 -25.89 -8.58 25.73
N HIS A 590 -25.81 -9.89 25.49
CA HIS A 590 -24.54 -10.61 25.68
C HIS A 590 -23.41 -10.12 24.72
N VAL A 591 -23.76 -9.49 23.59
CA VAL A 591 -22.73 -9.01 22.66
C VAL A 591 -22.19 -7.72 23.24
N ALA A 592 -23.08 -6.86 23.69
CA ALA A 592 -22.63 -5.66 24.35
C ALA A 592 -21.74 -5.98 25.60
N ASP A 593 -22.12 -6.93 26.41
CA ASP A 593 -21.38 -7.37 27.55
C ASP A 593 -19.96 -7.82 27.18
N ALA A 594 -19.79 -8.46 26.02
CA ALA A 594 -18.44 -8.90 25.58
C ALA A 594 -17.51 -7.65 25.40
N PHE A 595 -18.03 -6.56 24.86
CA PHE A 595 -17.24 -5.34 24.65
C PHE A 595 -17.02 -4.60 25.95
N ARG A 596 -18.03 -4.58 26.81
N ARG A 596 -18.05 -4.57 26.79
CA ARG A 596 -17.83 -4.06 28.16
CA ARG A 596 -17.90 -4.10 28.17
C ARG A 596 -16.68 -4.80 28.89
C ARG A 596 -16.71 -4.80 28.89
N ALA A 597 -16.66 -6.13 28.79
CA ALA A 597 -15.59 -6.91 29.42
C ALA A 597 -14.18 -6.49 28.91
N VAL A 598 -14.06 -6.20 27.60
CA VAL A 598 -12.81 -5.77 27.04
C VAL A 598 -12.38 -4.43 27.63
N LEU A 599 -13.32 -3.52 27.72
CA LEU A 599 -13.05 -2.25 28.32
C LEU A 599 -12.62 -2.28 29.77
N LEU A 600 -13.15 -3.20 30.53
CA LEU A 600 -12.80 -3.25 31.93
C LEU A 600 -11.71 -4.24 32.24
N ASP A 601 -11.13 -4.94 31.24
CA ASP A 601 -10.20 -6.00 31.57
C ASP A 601 -8.85 -5.31 31.70
N GLU A 602 -8.29 -5.37 32.88
CA GLU A 602 -7.01 -4.71 33.18
C GLU A 602 -5.81 -5.42 32.60
N LYS A 603 -5.94 -6.72 32.36
CA LYS A 603 -4.90 -7.55 31.81
C LYS A 603 -4.68 -7.46 30.26
N ILE A 604 -5.64 -6.89 29.53
CA ILE A 604 -5.56 -6.80 28.12
C ILE A 604 -4.58 -5.69 27.81
N ASP A 605 -3.70 -5.93 26.85
CA ASP A 605 -2.87 -4.82 26.30
C ASP A 605 -3.79 -3.75 25.74
N PRO A 606 -3.58 -2.50 26.13
CA PRO A 606 -4.41 -1.40 25.58
C PRO A 606 -4.32 -1.28 24.05
N ALA A 607 -3.21 -1.69 23.44
CA ALA A 607 -3.14 -1.72 21.99
C ALA A 607 -4.17 -2.66 21.36
N LEU A 608 -4.35 -3.81 22.00
CA LEU A 608 -5.31 -4.81 21.58
C LEU A 608 -6.71 -4.33 21.86
N ALA A 609 -6.92 -3.86 23.05
CA ALA A 609 -8.22 -3.29 23.36
C ALA A 609 -8.67 -2.24 22.42
N ALA A 610 -7.77 -1.35 22.04
CA ALA A 610 -8.15 -0.27 21.15
C ALA A 610 -8.68 -0.78 19.80
N GLU A 611 -8.06 -1.83 19.29
N GLU A 611 -8.05 -1.82 19.28
CA GLU A 611 -8.45 -2.41 18.01
CA GLU A 611 -8.47 -2.43 18.04
C GLU A 611 -9.75 -3.24 18.06
C GLU A 611 -9.81 -3.14 18.12
N ILE A 612 -10.01 -3.92 19.17
CA ILE A 612 -11.30 -4.58 19.39
C ILE A 612 -12.41 -3.51 19.47
N LEU A 613 -12.09 -2.32 20.03
CA LEU A 613 -13.01 -1.20 20.16
C LEU A 613 -13.04 -0.26 18.98
N THR A 614 -12.38 -0.63 17.91
CA THR A 614 -12.46 0.11 16.65
C THR A 614 -13.34 -0.73 15.72
N LEU A 615 -14.53 -0.27 15.39
CA LEU A 615 -15.43 -1.03 14.52
C LEU A 615 -14.86 -1.23 13.11
N PRO A 616 -15.17 -2.35 12.49
CA PRO A 616 -14.73 -2.50 11.10
C PRO A 616 -15.18 -1.31 10.23
N SER A 617 -14.33 -0.84 9.31
CA SER A 617 -14.64 0.28 8.46
C SER A 617 -15.78 -0.06 7.50
N VAL A 618 -16.35 0.93 6.80
CA VAL A 618 -17.41 0.61 5.84
C VAL A 618 -16.94 -0.26 4.70
N ASN A 619 -15.64 -0.16 4.36
CA ASN A 619 -15.00 -1.10 3.42
C ASN A 619 -14.88 -2.48 3.88
N GLU A 620 -14.48 -2.69 5.13
CA GLU A 620 -14.48 -4.01 5.64
C GLU A 620 -15.90 -4.58 5.77
N MET A 621 -16.87 -3.74 6.16
CA MET A 621 -18.28 -4.21 6.24
C MET A 621 -18.80 -4.67 4.93
N ALA A 622 -18.47 -3.93 3.89
CA ALA A 622 -18.96 -4.26 2.55
C ALA A 622 -18.56 -5.68 2.08
N GLU A 623 -17.38 -6.15 2.43
N GLU A 623 -17.37 -6.15 2.54
CA GLU A 623 -16.96 -7.46 1.96
CA GLU A 623 -16.81 -7.53 2.26
C GLU A 623 -17.78 -8.62 2.62
C GLU A 623 -17.66 -8.67 2.80
N LEU A 624 -18.52 -8.36 3.73
CA LEU A 624 -19.42 -9.35 4.31
C LEU A 624 -20.60 -9.68 3.40
N PHE A 625 -20.87 -8.87 2.36
CA PHE A 625 -22.07 -8.98 1.62
C PHE A 625 -21.82 -9.31 0.13
N ASP A 626 -22.72 -10.04 -0.53
CA ASP A 626 -22.67 -10.26 -2.03
C ASP A 626 -23.05 -9.02 -2.77
N ILE A 627 -24.14 -8.40 -2.35
CA ILE A 627 -24.50 -7.15 -2.91
C ILE A 627 -24.32 -6.08 -1.83
N ILE A 628 -23.63 -5.00 -2.15
CA ILE A 628 -23.37 -3.97 -1.18
C ILE A 628 -24.50 -2.96 -1.17
N ASP A 629 -25.04 -2.66 0.02
CA ASP A 629 -25.96 -1.52 0.20
C ASP A 629 -25.14 -0.50 1.03
N PRO A 630 -24.61 0.50 0.37
CA PRO A 630 -23.62 1.32 1.09
C PRO A 630 -24.27 2.28 2.05
N ILE A 631 -25.51 2.67 1.77
CA ILE A 631 -26.25 3.52 2.71
C ILE A 631 -26.56 2.72 3.97
N ALA A 632 -27.11 1.52 3.83
CA ALA A 632 -27.37 0.70 5.00
C ALA A 632 -26.11 0.45 5.83
N ILE A 633 -24.99 0.13 5.16
CA ILE A 633 -23.74 -0.10 5.89
C ILE A 633 -23.32 1.15 6.71
N ALA A 634 -23.37 2.32 6.10
CA ALA A 634 -22.95 3.57 6.77
C ALA A 634 -23.89 3.84 7.93
N GLU A 635 -25.20 3.63 7.72
CA GLU A 635 -26.12 3.95 8.80
CA GLU A 635 -26.17 3.93 8.80
C GLU A 635 -26.09 2.93 9.93
N VAL A 636 -25.90 1.66 9.60
CA VAL A 636 -25.68 0.60 10.59
C VAL A 636 -24.39 0.83 11.40
N ARG A 637 -23.28 1.26 10.74
CA ARG A 637 -22.08 1.57 11.46
C ARG A 637 -22.33 2.67 12.49
N GLU A 638 -22.99 3.72 12.06
CA GLU A 638 -23.28 4.80 12.99
C GLU A 638 -24.22 4.34 14.14
N ALA A 639 -25.24 3.53 13.81
CA ALA A 639 -26.22 3.09 14.80
C ALA A 639 -25.56 2.16 15.81
N LEU A 640 -24.67 1.27 15.34
CA LEU A 640 -23.95 0.39 16.24
C LEU A 640 -23.05 1.20 17.20
N THR A 641 -22.42 2.25 16.65
CA THR A 641 -21.57 3.11 17.48
C THR A 641 -22.47 3.77 18.54
N ARG A 642 -23.65 4.26 18.16
CA ARG A 642 -24.51 4.94 19.11
C ARG A 642 -25.02 4.01 20.18
N THR A 643 -25.35 2.79 19.80
CA THR A 643 -25.80 1.77 20.74
C THR A 643 -24.77 1.41 21.74
N LEU A 644 -23.53 1.20 21.31
CA LEU A 644 -22.49 0.89 22.22
C LEU A 644 -22.16 2.11 23.08
N ALA A 645 -22.20 3.32 22.53
CA ALA A 645 -21.95 4.51 23.32
C ALA A 645 -22.96 4.65 24.48
N THR A 646 -24.23 4.36 24.20
CA THR A 646 -25.26 4.32 25.24
C THR A 646 -25.06 3.18 26.22
N GLU A 647 -24.91 1.96 25.77
CA GLU A 647 -24.81 0.84 26.69
C GLU A 647 -23.54 0.89 27.54
N LEU A 648 -22.46 1.45 27.01
CA LEU A 648 -21.15 1.43 27.66
C LEU A 648 -20.71 2.79 28.14
N ALA A 649 -21.65 3.73 28.25
CA ALA A 649 -21.26 5.11 28.53
C ALA A 649 -20.31 5.33 29.70
N ASP A 650 -20.62 4.72 30.82
CA ASP A 650 -19.86 5.00 32.04
C ASP A 650 -18.48 4.36 31.93
N GLU A 651 -18.44 3.17 31.37
CA GLU A 651 -17.17 2.49 31.21
C GLU A 651 -16.28 3.22 30.21
N LEU A 652 -16.85 3.65 29.10
CA LEU A 652 -16.13 4.42 28.10
C LEU A 652 -15.49 5.65 28.71
N LEU A 653 -16.24 6.39 29.50
CA LEU A 653 -15.70 7.60 30.10
C LEU A 653 -14.57 7.29 31.08
N ALA A 654 -14.78 6.28 31.86
CA ALA A 654 -13.79 5.89 32.83
C ALA A 654 -12.47 5.49 32.16
N ILE A 655 -12.53 4.72 31.06
CA ILE A 655 -11.32 4.32 30.37
C ILE A 655 -10.66 5.49 29.62
N TYR A 656 -11.48 6.36 29.05
CA TYR A 656 -11.06 7.57 28.45
C TYR A 656 -10.23 8.38 29.44
N ASN A 657 -10.79 8.63 30.61
CA ASN A 657 -10.05 9.38 31.61
C ASN A 657 -8.82 8.68 32.16
N ALA A 658 -8.87 7.37 32.37
CA ALA A 658 -7.75 6.63 32.89
C ALA A 658 -6.53 6.66 31.95
N ASN A 659 -6.73 6.83 30.64
CA ASN A 659 -5.66 6.81 29.68
C ASN A 659 -5.13 8.15 29.26
N TYR A 660 -5.62 9.19 29.93
CA TYR A 660 -5.10 10.50 29.79
C TYR A 660 -3.57 10.52 29.94
N GLN A 661 -2.86 11.19 29.04
CA GLN A 661 -1.37 11.36 29.15
C GLN A 661 -0.99 12.82 28.98
N SER A 662 -0.28 13.37 29.96
N SER A 662 -0.32 13.41 29.98
CA SER A 662 0.11 14.80 29.88
CA SER A 662 0.12 14.82 29.88
C SER A 662 1.34 14.96 28.96
C SER A 662 1.32 14.97 28.94
N GLU A 663 2.30 14.09 29.02
CA GLU A 663 3.44 14.15 28.08
C GLU A 663 3.00 13.45 26.73
N TYR A 664 3.31 14.07 25.61
CA TYR A 664 3.32 13.40 24.30
C TYR A 664 4.65 12.75 23.95
N ARG A 665 4.63 11.47 23.67
CA ARG A 665 5.76 10.79 23.11
C ARG A 665 5.38 9.85 22.00
N VAL A 666 6.27 9.76 21.03
CA VAL A 666 6.19 8.77 19.98
C VAL A 666 6.88 7.50 20.41
N GLU A 667 6.21 6.77 21.29
CA GLU A 667 6.66 5.58 21.85
C GLU A 667 5.50 4.61 21.88
N HIS A 668 5.77 3.35 21.66
CA HIS A 668 4.66 2.41 21.44
C HIS A 668 3.67 2.22 22.58
N GLU A 669 4.11 2.25 23.83
CA GLU A 669 3.18 2.13 24.97
C GLU A 669 2.29 3.30 25.07
N ASP A 670 2.85 4.51 24.90
CA ASP A 670 2.09 5.73 24.83
C ASP A 670 1.08 5.78 23.64
N ILE A 671 1.54 5.37 22.47
CA ILE A 671 0.65 5.29 21.30
C ILE A 671 -0.51 4.35 21.56
N ALA A 672 -0.27 3.26 22.22
CA ALA A 672 -1.31 2.29 22.52
C ALA A 672 -2.34 2.88 23.49
N LYS A 673 -1.87 3.51 24.59
CA LYS A 673 -2.81 4.24 25.45
C LYS A 673 -3.66 5.27 24.80
N ARG A 674 -3.02 6.08 23.98
CA ARG A 674 -3.70 7.09 23.20
C ARG A 674 -4.66 6.50 22.22
N THR A 675 -4.29 5.43 21.52
CA THR A 675 -5.24 4.78 20.59
CA THR A 675 -5.27 4.73 20.60
C THR A 675 -6.49 4.29 21.38
N LEU A 676 -6.29 3.70 22.56
CA LEU A 676 -7.45 3.25 23.37
C LEU A 676 -8.32 4.43 23.82
N ARG A 677 -7.69 5.50 24.30
N ARG A 677 -7.66 5.47 24.34
CA ARG A 677 -8.39 6.66 24.75
CA ARG A 677 -8.36 6.66 24.76
C ARG A 677 -9.18 7.27 23.62
C ARG A 677 -9.19 7.22 23.62
N ASN A 678 -8.59 7.37 22.44
CA ASN A 678 -9.30 7.94 21.33
C ASN A 678 -10.36 6.98 20.71
N ALA A 679 -10.16 5.69 20.90
CA ALA A 679 -11.25 4.75 20.53
C ALA A 679 -12.48 4.96 21.41
N CYS A 680 -12.25 5.19 22.71
CA CYS A 680 -13.32 5.55 23.66
C CYS A 680 -14.00 6.85 23.29
N LEU A 681 -13.19 7.87 22.96
CA LEU A 681 -13.71 9.15 22.52
C LEU A 681 -14.65 9.02 21.30
N ARG A 682 -14.34 8.12 20.38
CA ARG A 682 -15.21 7.98 19.20
C ARG A 682 -16.67 7.60 19.60
N PHE A 683 -16.78 6.69 20.54
CA PHE A 683 -18.11 6.28 21.05
C PHE A 683 -18.75 7.41 21.88
N LEU A 684 -17.95 8.08 22.72
CA LEU A 684 -18.44 9.10 23.58
C LEU A 684 -18.98 10.24 22.77
N ALA A 685 -18.37 10.49 21.63
CA ALA A 685 -18.88 11.52 20.69
C ALA A 685 -20.31 11.26 20.22
N PHE A 686 -20.65 10.00 20.17
CA PHE A 686 -21.96 9.54 19.67
C PHE A 686 -22.90 9.27 20.79
N GLY A 687 -22.59 9.76 22.01
CA GLY A 687 -23.41 9.63 23.17
C GLY A 687 -24.26 10.85 23.36
N GLU A 688 -24.66 11.11 24.57
CA GLU A 688 -25.53 12.28 24.81
C GLU A 688 -24.84 13.55 24.36
N THR A 689 -25.59 14.41 23.68
CA THR A 689 -25.00 15.47 22.88
C THR A 689 -24.23 16.51 23.63
N HIS A 690 -24.82 17.06 24.68
CA HIS A 690 -24.12 18.03 25.46
C HIS A 690 -22.79 17.52 26.03
N LEU A 691 -22.75 16.37 26.70
CA LEU A 691 -21.48 15.78 27.20
C LEU A 691 -20.50 15.56 26.04
N ALA A 692 -21.02 15.06 24.93
CA ALA A 692 -20.14 14.78 23.79
C ALA A 692 -19.48 16.03 23.31
N ASP A 693 -20.29 17.07 23.05
CA ASP A 693 -19.79 18.35 22.60
C ASP A 693 -18.71 18.91 23.49
N VAL A 694 -18.91 18.83 24.80
CA VAL A 694 -17.95 19.42 25.76
C VAL A 694 -16.67 18.58 25.72
N LEU A 695 -16.80 17.27 25.70
CA LEU A 695 -15.60 16.44 25.72
C LEU A 695 -14.75 16.65 24.51
N VAL A 696 -15.43 16.66 23.35
CA VAL A 696 -14.72 16.77 22.07
C VAL A 696 -14.06 18.13 21.85
N SER A 697 -14.81 19.20 22.12
CA SER A 697 -14.29 20.53 22.05
C SER A 697 -13.05 20.75 22.96
N LYS A 698 -13.15 20.25 24.18
CA LYS A 698 -12.07 20.39 25.15
C LYS A 698 -10.83 19.68 24.65
N GLN A 699 -11.02 18.45 24.16
CA GLN A 699 -9.82 17.69 23.70
C GLN A 699 -9.19 18.44 22.52
N PHE A 700 -9.99 18.93 21.61
CA PHE A 700 -9.46 19.66 20.46
C PHE A 700 -8.64 20.85 20.92
N HIS A 701 -9.24 21.67 21.78
CA HIS A 701 -8.58 22.87 22.29
C HIS A 701 -7.41 22.60 23.22
N GLU A 702 -7.42 21.56 24.04
CA GLU A 702 -6.33 21.32 24.97
C GLU A 702 -5.30 20.36 24.44
N ALA A 703 -5.52 19.75 23.27
CA ALA A 703 -4.56 18.80 22.74
C ALA A 703 -3.16 19.40 22.64
N ASN A 704 -2.14 18.64 23.00
CA ASN A 704 -0.74 19.06 22.81
C ASN A 704 -0.03 18.31 21.63
N ASN A 705 -0.81 17.75 20.71
CA ASN A 705 -0.28 16.97 19.63
C ASN A 705 -1.44 16.75 18.65
N MET A 706 -1.08 16.53 17.38
CA MET A 706 -2.07 16.41 16.31
C MET A 706 -2.88 15.14 16.44
N THR A 707 -2.36 14.08 17.06
CA THR A 707 -3.15 12.87 17.16
C THR A 707 -4.46 13.15 17.95
N ASP A 708 -4.30 13.80 19.10
CA ASP A 708 -5.42 14.16 19.93
C ASP A 708 -6.31 15.20 19.32
N ALA A 709 -5.74 16.24 18.70
CA ALA A 709 -6.51 17.27 18.05
C ALA A 709 -7.36 16.67 16.90
N LEU A 710 -6.74 15.85 16.06
CA LEU A 710 -7.48 15.28 14.96
C LEU A 710 -8.55 14.27 15.39
N ALA A 711 -8.28 13.48 16.41
CA ALA A 711 -9.24 12.53 16.84
C ALA A 711 -10.51 13.25 17.31
N ALA A 712 -10.32 14.36 18.02
CA ALA A 712 -11.45 15.24 18.43
C ALA A 712 -12.19 15.89 17.24
N LEU A 713 -11.44 16.40 16.29
CA LEU A 713 -12.03 17.00 15.14
C LEU A 713 -12.82 16.01 14.30
N SER A 714 -12.23 14.83 14.12
CA SER A 714 -12.85 13.78 13.37
C SER A 714 -14.20 13.30 14.01
N ALA A 715 -14.21 13.19 15.34
CA ALA A 715 -15.39 12.87 16.10
C ALA A 715 -16.49 13.96 16.00
N ALA A 716 -16.09 15.23 15.99
CA ALA A 716 -17.06 16.32 15.83
C ALA A 716 -17.72 16.24 14.45
N VAL A 717 -16.96 15.89 13.44
CA VAL A 717 -17.50 15.72 12.13
C VAL A 717 -18.43 14.46 12.03
N ALA A 718 -17.97 13.31 12.55
CA ALA A 718 -18.67 12.04 12.41
C ALA A 718 -20.03 12.08 13.14
N ALA A 719 -20.03 12.72 14.30
CA ALA A 719 -21.25 12.83 15.09
C ALA A 719 -22.05 14.09 14.84
N GLN A 720 -21.59 14.96 13.94
CA GLN A 720 -22.23 16.19 13.60
C GLN A 720 -22.49 17.00 14.91
N LEU A 721 -21.48 17.17 15.74
CA LEU A 721 -21.66 17.92 16.99
C LEU A 721 -21.77 19.41 16.78
N PRO A 722 -22.40 20.11 17.75
CA PRO A 722 -22.54 21.57 17.65
C PRO A 722 -21.22 22.30 17.37
N CYS A 723 -20.14 21.87 18.00
CA CYS A 723 -18.86 22.54 17.88
C CYS A 723 -18.21 22.34 16.53
N ARG A 724 -18.70 21.45 15.69
CA ARG A 724 -18.00 21.05 14.45
C ARG A 724 -17.59 22.19 13.57
N ASP A 725 -18.53 23.07 13.18
CA ASP A 725 -18.18 24.11 12.21
C ASP A 725 -17.13 25.06 12.71
N ALA A 726 -17.20 25.40 14.00
CA ALA A 726 -16.20 26.27 14.62
C ALA A 726 -14.81 25.57 14.63
N LEU A 727 -14.77 24.31 15.05
CA LEU A 727 -13.45 23.64 15.08
C LEU A 727 -12.85 23.50 13.63
N MET A 728 -13.70 23.14 12.67
CA MET A 728 -13.23 23.01 11.28
C MET A 728 -12.69 24.33 10.81
N GLN A 729 -13.37 25.45 11.13
CA GLN A 729 -12.84 26.75 10.70
C GLN A 729 -11.54 27.09 11.41
N GLU A 730 -11.45 26.82 12.70
CA GLU A 730 -10.21 27.06 13.40
C GLU A 730 -9.05 26.35 12.77
N TYR A 731 -9.27 25.10 12.43
CA TYR A 731 -8.19 24.28 11.78
C TYR A 731 -7.78 24.87 10.46
N ASP A 732 -8.74 25.21 9.61
CA ASP A 732 -8.48 25.86 8.34
C ASP A 732 -7.64 27.18 8.56
N ASP A 733 -8.09 28.03 9.47
CA ASP A 733 -7.40 29.34 9.70
C ASP A 733 -5.97 29.10 10.21
N LYS A 734 -5.75 28.05 10.98
CA LYS A 734 -4.42 27.82 11.50
C LYS A 734 -3.48 27.15 10.47
N TRP A 735 -4.02 26.22 9.67
CA TRP A 735 -3.17 25.30 8.91
C TRP A 735 -3.27 25.41 7.40
N HIS A 736 -4.00 26.38 6.85
CA HIS A 736 -4.30 26.39 5.42
C HIS A 736 -3.05 26.44 4.53
N GLN A 737 -1.97 26.99 5.04
N GLN A 737 -1.95 27.01 5.00
CA GLN A 737 -0.71 27.04 4.34
CA GLN A 737 -0.70 27.03 4.21
C GLN A 737 0.03 25.72 4.24
C GLN A 737 0.12 25.74 4.31
N ASN A 738 -0.35 24.74 5.06
CA ASN A 738 0.33 23.49 5.14
C ASN A 738 -0.51 22.36 4.46
N GLY A 739 -0.20 22.01 3.22
CA GLY A 739 -0.97 21.03 2.42
C GLY A 739 -1.08 19.71 3.12
N LEU A 740 0.01 19.20 3.73
CA LEU A 740 -0.12 17.88 4.39
C LEU A 740 -1.08 17.90 5.54
N VAL A 741 -1.08 18.97 6.28
CA VAL A 741 -1.99 19.07 7.39
C VAL A 741 -3.42 19.28 6.88
N MET A 742 -3.59 20.05 5.81
CA MET A 742 -4.92 20.26 5.24
C MET A 742 -5.50 18.99 4.62
N ASP A 743 -4.66 18.07 4.17
CA ASP A 743 -5.16 16.79 3.68
C ASP A 743 -6.04 16.07 4.68
N LYS A 744 -5.69 16.11 5.95
CA LYS A 744 -6.52 15.50 6.99
C LYS A 744 -7.91 16.12 7.03
N TRP A 745 -7.93 17.44 6.86
CA TRP A 745 -9.17 18.23 6.93
C TRP A 745 -10.00 17.94 5.70
N PHE A 746 -9.35 17.89 4.53
CA PHE A 746 -10.07 17.50 3.29
C PHE A 746 -10.66 16.09 3.44
N ILE A 747 -9.94 15.14 4.04
CA ILE A 747 -10.52 13.80 4.30
C ILE A 747 -11.77 13.86 5.17
N LEU A 748 -11.72 14.63 6.26
CA LEU A 748 -12.88 14.79 7.10
C LEU A 748 -14.04 15.43 6.31
N GLN A 749 -13.78 16.44 5.48
CA GLN A 749 -14.90 17.05 4.70
C GLN A 749 -15.52 15.99 3.76
N ALA A 750 -14.64 15.23 3.08
CA ALA A 750 -15.05 14.24 2.05
C ALA A 750 -15.78 13.08 2.67
N THR A 751 -15.47 12.73 3.94
CA THR A 751 -16.08 11.62 4.56
C THR A 751 -17.18 12.03 5.56
N SER A 752 -17.62 13.28 5.51
CA SER A 752 -18.58 13.77 6.45
C SER A 752 -19.95 13.05 6.20
N PRO A 753 -20.65 12.73 7.26
CA PRO A 753 -21.99 12.15 7.08
C PRO A 753 -23.07 13.21 6.77
N ALA A 754 -22.72 14.48 6.72
CA ALA A 754 -23.73 15.52 6.52
C ALA A 754 -24.48 15.34 5.20
N ALA A 755 -25.74 15.75 5.16
CA ALA A 755 -26.54 15.54 3.97
C ALA A 755 -26.04 16.32 2.73
N ASN A 756 -25.39 17.44 2.93
CA ASN A 756 -24.95 18.26 1.79
C ASN A 756 -23.41 18.08 1.56
N VAL A 757 -22.88 16.94 1.94
CA VAL A 757 -21.41 16.68 1.77
C VAL A 757 -20.95 16.89 0.34
N LEU A 758 -21.68 16.43 -0.69
CA LEU A 758 -21.20 16.65 -2.06
C LEU A 758 -21.12 18.10 -2.45
N GLU A 759 -22.13 18.88 -2.07
CA GLU A 759 -22.07 20.30 -2.33
C GLU A 759 -20.82 20.88 -1.64
N THR A 760 -20.54 20.46 -0.41
CA THR A 760 -19.38 21.02 0.30
C THR A 760 -18.05 20.65 -0.43
N VAL A 761 -17.91 19.38 -0.74
CA VAL A 761 -16.74 18.87 -1.52
C VAL A 761 -16.55 19.64 -2.85
N ARG A 762 -17.62 19.83 -3.64
CA ARG A 762 -17.49 20.57 -4.86
C ARG A 762 -16.98 22.00 -4.59
N GLY A 763 -17.55 22.65 -3.60
CA GLY A 763 -17.10 23.96 -3.16
C GLY A 763 -15.61 24.03 -2.79
N LEU A 764 -15.12 22.99 -2.13
CA LEU A 764 -13.73 22.83 -1.79
C LEU A 764 -12.78 22.65 -2.97
N LEU A 765 -13.24 22.33 -4.16
CA LEU A 765 -12.41 22.47 -5.34
C LEU A 765 -11.83 23.88 -5.54
N GLN A 766 -12.45 24.91 -4.97
CA GLN A 766 -11.90 26.23 -5.02
C GLN A 766 -11.27 26.63 -3.73
N HIS A 767 -11.08 25.73 -2.79
CA HIS A 767 -10.48 26.13 -1.53
C HIS A 767 -9.02 26.56 -1.72
N ARG A 768 -8.57 27.52 -0.90
CA ARG A 768 -7.20 28.04 -0.94
C ARG A 768 -6.10 26.98 -0.78
N SER A 769 -6.39 25.89 -0.13
CA SER A 769 -5.42 24.84 0.05
C SER A 769 -5.56 23.67 -0.94
N PHE A 770 -6.51 23.74 -1.88
CA PHE A 770 -6.76 22.63 -2.78
C PHE A 770 -6.14 22.95 -4.15
N THR A 771 -5.58 21.98 -4.85
CA THR A 771 -5.26 22.19 -6.28
C THR A 771 -5.28 20.88 -7.01
N MET A 772 -5.88 20.88 -8.22
CA MET A 772 -5.96 19.73 -9.10
C MET A 772 -4.55 19.36 -9.57
N SER A 773 -3.54 20.23 -9.34
CA SER A 773 -2.17 19.94 -9.78
C SER A 773 -1.38 19.00 -8.82
N ASN A 774 -1.96 18.71 -7.65
CA ASN A 774 -1.27 18.04 -6.58
C ASN A 774 -1.97 16.73 -6.23
N PRO A 775 -1.31 15.60 -6.47
CA PRO A 775 -1.93 14.32 -6.24
C PRO A 775 -2.33 14.11 -4.79
N ASN A 776 -1.59 14.64 -3.81
CA ASN A 776 -2.03 14.41 -2.45
C ASN A 776 -3.37 15.14 -2.20
N ARG A 777 -3.50 16.36 -2.70
CA ARG A 777 -4.75 17.09 -2.49
C ARG A 777 -5.90 16.37 -3.17
N ILE A 778 -5.66 15.87 -4.41
CA ILE A 778 -6.72 15.13 -5.13
C ILE A 778 -7.20 13.95 -4.34
N ARG A 779 -6.24 13.17 -3.88
CA ARG A 779 -6.55 12.00 -3.07
C ARG A 779 -7.33 12.32 -1.81
N SER A 780 -6.91 13.33 -1.11
CA SER A 780 -7.47 13.67 0.17
CA SER A 780 -7.49 13.65 0.17
C SER A 780 -8.90 14.23 0.06
N LEU A 781 -9.21 14.91 -1.05
CA LEU A 781 -10.58 15.43 -1.21
C LEU A 781 -11.44 14.49 -2.10
N ILE A 782 -11.00 14.29 -3.35
CA ILE A 782 -11.76 13.58 -4.34
C ILE A 782 -11.71 12.08 -4.07
N GLY A 783 -10.53 11.55 -3.85
CA GLY A 783 -10.35 10.16 -3.60
C GLY A 783 -11.05 9.70 -2.33
N ALA A 784 -10.97 10.49 -1.27
CA ALA A 784 -11.62 10.13 0.00
C ALA A 784 -13.14 10.12 -0.17
N PHE A 785 -13.65 11.07 -0.96
CA PHE A 785 -15.07 11.10 -1.25
C PHE A 785 -15.53 9.78 -1.94
N ALA A 786 -14.91 9.45 -3.07
CA ALA A 786 -15.26 8.29 -3.88
C ALA A 786 -15.05 6.98 -3.21
N GLY A 787 -13.94 6.88 -2.52
CA GLY A 787 -13.51 5.64 -1.89
C GLY A 787 -13.79 5.45 -0.44
N SER A 788 -13.88 6.52 0.32
CA SER A 788 -14.15 6.39 1.72
C SER A 788 -15.44 6.91 2.16
N ASN A 789 -16.25 7.49 1.28
CA ASN A 789 -17.61 7.85 1.65
C ASN A 789 -18.57 7.13 0.72
N PRO A 790 -18.54 5.79 0.74
CA PRO A 790 -19.34 5.14 -0.34
C PRO A 790 -20.87 5.45 -0.18
N ALA A 791 -21.30 5.83 0.99
CA ALA A 791 -22.70 6.27 1.13
C ALA A 791 -23.09 7.45 0.31
N ALA A 792 -22.22 8.45 0.30
CA ALA A 792 -22.45 9.65 -0.51
C ALA A 792 -22.06 9.46 -1.96
N PHE A 793 -20.96 8.75 -2.21
CA PHE A 793 -20.59 8.45 -3.55
C PHE A 793 -21.73 7.72 -4.28
N HIS A 794 -22.37 6.81 -3.55
CA HIS A 794 -23.44 5.99 -4.08
C HIS A 794 -24.85 6.56 -3.74
N ALA A 795 -24.92 7.86 -3.61
CA ALA A 795 -26.16 8.54 -3.34
C ALA A 795 -27.13 8.05 -4.47
N GLU A 796 -28.38 7.79 -4.10
CA GLU A 796 -29.34 7.27 -5.09
C GLU A 796 -29.60 8.14 -6.33
N ASP A 797 -29.44 9.46 -6.21
CA ASP A 797 -29.62 10.37 -7.37
C ASP A 797 -28.50 10.25 -8.35
N GLY A 798 -27.46 9.44 -8.09
CA GLY A 798 -26.34 9.36 -9.01
C GLY A 798 -25.36 10.53 -9.07
N SER A 799 -25.52 11.51 -8.19
CA SER A 799 -24.69 12.67 -8.14
C SER A 799 -23.19 12.37 -7.88
N GLY A 800 -22.88 11.36 -7.05
CA GLY A 800 -21.52 11.03 -6.78
C GLY A 800 -20.83 10.53 -8.04
N TYR A 801 -21.54 9.74 -8.85
CA TYR A 801 -20.95 9.25 -10.06
C TYR A 801 -20.66 10.39 -11.06
N LEU A 802 -21.60 11.34 -11.16
CA LEU A 802 -21.45 12.44 -12.10
C LEU A 802 -20.24 13.34 -11.71
N PHE A 803 -20.06 13.57 -10.43
CA PHE A 803 -18.95 14.36 -9.90
C PHE A 803 -17.61 13.68 -10.24
N LEU A 804 -17.53 12.35 -10.01
CA LEU A 804 -16.31 11.65 -10.33
C LEU A 804 -16.03 11.67 -11.83
N VAL A 805 -17.07 11.51 -12.66
CA VAL A 805 -16.88 11.68 -14.10
C VAL A 805 -16.25 13.05 -14.45
N GLU A 806 -16.74 14.15 -13.90
CA GLU A 806 -16.18 15.44 -14.19
CA GLU A 806 -16.14 15.44 -14.25
C GLU A 806 -14.68 15.48 -13.78
N MET A 807 -14.38 14.96 -12.59
CA MET A 807 -12.99 15.02 -12.11
C MET A 807 -12.10 14.17 -13.04
N LEU A 808 -12.57 13.00 -13.43
CA LEU A 808 -11.79 12.08 -14.24
C LEU A 808 -11.60 12.61 -15.64
N THR A 809 -12.57 13.40 -16.10
CA THR A 809 -12.45 14.01 -17.41
C THR A 809 -11.23 14.96 -17.42
N ASP A 810 -11.03 15.68 -16.32
CA ASP A 810 -9.83 16.54 -16.17
C ASP A 810 -8.60 15.65 -16.06
N LEU A 811 -8.63 14.70 -15.14
CA LEU A 811 -7.41 13.97 -14.74
C LEU A 811 -6.94 12.99 -15.79
N ASN A 812 -7.85 12.48 -16.62
CA ASN A 812 -7.44 11.68 -17.78
C ASN A 812 -6.40 12.34 -18.62
N SER A 813 -6.52 13.63 -18.84
CA SER A 813 -5.61 14.41 -19.63
C SER A 813 -4.42 14.88 -18.78
N ARG A 814 -4.68 15.27 -17.54
CA ARG A 814 -3.65 15.94 -16.70
C ARG A 814 -2.67 14.89 -16.12
N ASN A 815 -3.22 13.82 -15.57
CA ASN A 815 -2.41 12.90 -14.77
C ASN A 815 -3.19 11.61 -14.78
N PRO A 816 -2.93 10.76 -15.80
CA PRO A 816 -3.67 9.54 -15.93
C PRO A 816 -3.44 8.51 -14.86
N GLN A 817 -2.28 8.48 -14.24
CA GLN A 817 -2.03 7.55 -13.15
CA GLN A 817 -2.02 7.56 -13.12
C GLN A 817 -2.94 7.86 -11.98
N VAL A 818 -3.04 9.14 -11.63
CA VAL A 818 -3.96 9.52 -10.57
C VAL A 818 -5.43 9.26 -10.93
N ALA A 819 -5.82 9.59 -12.16
CA ALA A 819 -7.13 9.19 -12.72
C ALA A 819 -7.47 7.74 -12.49
N SER A 820 -6.53 6.85 -12.81
CA SER A 820 -6.78 5.45 -12.74
C SER A 820 -6.93 4.97 -11.35
N ARG A 821 -6.18 5.53 -10.42
CA ARG A 821 -6.46 5.22 -9.01
C ARG A 821 -7.86 5.67 -8.58
N LEU A 822 -8.25 6.85 -9.01
CA LEU A 822 -9.55 7.41 -8.67
C LEU A 822 -10.74 6.73 -9.31
N ILE A 823 -10.57 6.08 -10.47
CA ILE A 823 -11.71 5.40 -11.07
C ILE A 823 -12.13 4.13 -10.33
N GLU A 824 -11.27 3.59 -9.44
CA GLU A 824 -11.47 2.28 -8.91
C GLU A 824 -12.93 2.08 -8.34
N PRO A 825 -13.45 3.06 -7.59
CA PRO A 825 -14.84 2.87 -7.05
C PRO A 825 -15.94 2.68 -8.07
N LEU A 826 -15.75 3.15 -9.28
CA LEU A 826 -16.70 2.96 -10.36
C LEU A 826 -16.62 1.66 -11.02
N ILE A 827 -15.45 1.04 -10.99
CA ILE A 827 -15.37 -0.26 -11.60
C ILE A 827 -15.89 -1.43 -10.72
N ARG A 828 -16.37 -1.15 -9.52
CA ARG A 828 -17.03 -2.08 -8.64
C ARG A 828 -18.53 -2.22 -8.84
N LEU A 829 -19.04 -1.76 -9.95
CA LEU A 829 -20.47 -1.64 -10.17
C LEU A 829 -21.26 -2.91 -10.00
N LYS A 830 -20.67 -4.03 -10.31
CA LYS A 830 -21.43 -5.31 -10.25
C LYS A 830 -21.68 -5.77 -8.84
N ARG A 831 -21.09 -5.10 -7.86
CA ARG A 831 -21.39 -5.44 -6.47
C ARG A 831 -22.63 -4.69 -5.98
N TYR A 832 -23.19 -3.80 -6.79
CA TYR A 832 -24.27 -2.92 -6.34
C TYR A 832 -25.62 -3.34 -7.04
N ASP A 833 -26.70 -2.73 -6.59
CA ASP A 833 -28.05 -3.08 -7.06
C ASP A 833 -28.19 -2.57 -8.47
N ALA A 834 -29.22 -3.07 -9.14
CA ALA A 834 -29.44 -2.81 -10.53
C ALA A 834 -29.50 -1.36 -10.92
N LYS A 835 -30.14 -0.54 -10.13
CA LYS A 835 -30.32 0.83 -10.47
C LYS A 835 -29.00 1.63 -10.34
N ARG A 836 -28.23 1.35 -9.28
CA ARG A 836 -26.85 1.90 -9.17
C ARG A 836 -25.97 1.43 -10.28
N GLN A 837 -26.08 0.15 -10.57
CA GLN A 837 -25.30 -0.41 -11.63
C GLN A 837 -25.53 0.25 -12.97
N GLU A 838 -26.78 0.53 -13.29
CA GLU A 838 -27.10 1.26 -14.50
C GLU A 838 -26.45 2.66 -14.61
N LYS A 839 -26.53 3.41 -13.54
CA LYS A 839 -25.94 4.72 -13.45
C LYS A 839 -24.40 4.67 -13.54
N MET A 840 -23.81 3.69 -12.88
CA MET A 840 -22.34 3.54 -12.87
C MET A 840 -21.86 3.14 -14.27
N ARG A 841 -22.63 2.29 -14.93
CA ARG A 841 -22.33 1.90 -16.32
C ARG A 841 -22.42 3.06 -17.29
N ALA A 842 -23.44 3.91 -17.12
CA ALA A 842 -23.60 5.11 -17.91
C ALA A 842 -22.40 6.05 -17.69
N ALA A 843 -21.95 6.18 -16.47
CA ALA A 843 -20.73 6.99 -16.19
C ALA A 843 -19.47 6.44 -16.86
N LEU A 844 -19.27 5.15 -16.75
CA LEU A 844 -18.15 4.42 -17.43
C LEU A 844 -18.23 4.62 -18.96
N GLU A 845 -19.42 4.52 -19.55
N GLU A 845 -19.45 4.48 -19.50
CA GLU A 845 -19.55 4.73 -21.00
CA GLU A 845 -19.71 4.70 -20.93
C GLU A 845 -19.24 6.16 -21.41
C GLU A 845 -19.29 6.11 -21.37
N GLN A 846 -19.57 7.11 -20.55
CA GLN A 846 -19.16 8.48 -20.84
C GLN A 846 -17.64 8.65 -20.89
N LEU A 847 -16.97 8.07 -19.89
CA LEU A 847 -15.52 8.09 -19.83
C LEU A 847 -14.91 7.30 -21.01
N LYS A 848 -15.50 6.16 -21.38
CA LYS A 848 -15.01 5.40 -22.51
C LYS A 848 -14.97 6.27 -23.78
N GLY A 849 -15.87 7.22 -23.89
CA GLY A 849 -15.97 8.02 -25.11
C GLY A 849 -15.10 9.26 -25.05
N LEU A 850 -14.32 9.48 -23.99
CA LEU A 850 -13.40 10.65 -23.95
C LEU A 850 -12.48 10.66 -25.16
N GLU A 851 -12.31 11.86 -25.69
CA GLU A 851 -11.22 12.16 -26.59
C GLU A 851 -9.90 11.94 -25.84
N ASN A 852 -8.99 11.31 -26.53
CA ASN A 852 -7.68 11.01 -26.01
C ASN A 852 -7.78 10.23 -24.68
N LEU A 853 -8.55 9.15 -24.66
CA LEU A 853 -8.65 8.35 -23.44
C LEU A 853 -7.31 7.73 -23.19
N SER A 854 -6.82 7.89 -21.98
CA SER A 854 -5.55 7.31 -21.61
C SER A 854 -5.66 5.77 -21.58
N GLY A 855 -4.53 5.11 -21.88
CA GLY A 855 -4.44 3.66 -21.73
C GLY A 855 -4.74 3.22 -20.32
N ASP A 856 -4.30 4.03 -19.33
CA ASP A 856 -4.54 3.74 -17.88
C ASP A 856 -6.04 3.54 -17.60
N LEU A 857 -6.87 4.46 -18.04
CA LEU A 857 -8.32 4.35 -17.90
C LEU A 857 -8.97 3.33 -18.81
N TYR A 858 -8.51 3.29 -20.05
CA TYR A 858 -9.04 2.32 -21.02
C TYR A 858 -9.05 0.91 -20.47
N GLU A 859 -7.91 0.49 -19.91
CA GLU A 859 -7.81 -0.84 -19.34
C GLU A 859 -8.90 -1.15 -18.33
N LYS A 860 -9.10 -0.25 -17.37
CA LYS A 860 -10.08 -0.44 -16.30
C LYS A 860 -11.49 -0.37 -16.84
N ILE A 861 -11.74 0.62 -17.66
CA ILE A 861 -13.12 0.82 -18.19
C ILE A 861 -13.57 -0.40 -19.02
N THR A 862 -12.68 -0.92 -19.87
CA THR A 862 -13.12 -2.02 -20.72
CA THR A 862 -12.98 -2.08 -20.75
C THR A 862 -13.34 -3.29 -19.87
N LYS A 863 -12.55 -3.51 -18.82
CA LYS A 863 -12.82 -4.62 -17.94
C LYS A 863 -14.14 -4.44 -17.20
N ALA A 864 -14.42 -3.23 -16.76
CA ALA A 864 -15.61 -2.96 -16.00
C ALA A 864 -16.90 -3.13 -16.82
N LEU A 865 -16.83 -2.76 -18.09
CA LEU A 865 -18.01 -2.77 -18.98
C LEU A 865 -18.22 -4.12 -19.65
N ALA A 866 -17.30 -5.06 -19.49
CA ALA A 866 -17.43 -6.42 -20.03
C ALA A 866 -18.55 -7.21 -19.36
ZN ZN B . 8.05 -1.19 -2.89
N LEU C . 8.67 1.00 -6.19
N LEU C . 8.66 0.80 -5.95
CA LEU C . 7.68 1.91 -5.53
CA LEU C . 7.75 1.83 -5.39
C LEU C . 7.23 1.27 -4.25
C LEU C . 7.27 1.38 -4.03
O LEU C . 8.07 0.72 -3.55
O LEU C . 7.08 0.17 -3.83
CB LEU C . 6.49 2.17 -6.45
CB LEU C . 6.58 2.05 -6.35
CG LEU C . 6.75 3.22 -7.58
CG LEU C . 6.90 3.01 -7.51
CD1 LEU C . 5.76 3.05 -8.73
CD1 LEU C . 5.86 2.95 -8.63
CD2 LEU C . 6.66 4.61 -6.94
CD2 LEU C . 7.03 4.40 -6.89
OXT LEU C . 6.03 1.30 -3.87
OXT LEU C . 7.04 2.20 -3.11
NA NA D . 7.17 -5.84 18.51
NA NA E . -19.41 -29.51 14.91
NA NA F . -7.03 26.34 -4.72
NA NA G . 2.15 17.07 -20.85
NA NA H . -19.55 -18.29 10.17
NA NA I . 2.24 1.74 -20.92
NA NA J . -18.78 -26.31 16.00
NA NA K . 9.11 -29.16 -5.53
NA NA L . 23.13 -4.97 -19.50
NA NA M . 16.71 -0.85 -18.22
NA NA N . 32.74 19.79 -3.47
C1 GOL O . 0.77 0.94 -3.76
O1 GOL O . 1.40 2.20 -3.37
C2 GOL O . -0.57 0.62 -3.08
O2 GOL O . -1.78 0.70 -3.87
C3 GOL O . -0.66 -0.82 -2.69
O3 GOL O . -0.60 -0.86 -1.29
C1 MLI P . -19.44 5.93 13.13
C2 MLI P . -19.82 5.88 11.64
C3 MLI P . -18.06 6.57 13.30
O6 MLI P . -19.17 5.24 10.73
O7 MLI P . -20.84 6.52 11.32
O8 MLI P . -17.84 7.46 12.43
O9 MLI P . -17.26 6.26 14.23
C1 MLI Q . -0.93 10.26 -3.71
C2 MLI Q . -0.66 9.03 -2.82
C3 MLI Q . -2.29 9.91 -4.38
O6 MLI Q . -0.82 7.90 -3.27
O7 MLI Q . -0.31 9.04 -1.63
O8 MLI Q . -3.17 9.46 -3.68
O9 MLI Q . -2.63 9.90 -5.59
C1 MLI R . 4.12 1.63 1.13
C2 MLI R . 4.16 0.10 1.36
C3 MLI R . 4.56 2.37 -0.14
O6 MLI R . 4.01 -0.65 2.50
O7 MLI R . 4.31 -0.33 0.20
O8 MLI R . 3.81 3.31 -0.65
O9 MLI R . 5.68 2.06 -0.66
#